data_9E07
#
_entry.id   9E07
#
_cell.length_a   1.00
_cell.length_b   1.00
_cell.length_c   1.00
_cell.angle_alpha   90.00
_cell.angle_beta   90.00
_cell.angle_gamma   90.00
#
_symmetry.space_group_name_H-M   'P 1'
#
loop_
_entity.id
_entity.type
_entity.pdbx_description
1 polymer 'Sec-independent protein translocase protein TatA'
2 polymer 'Sec-independent protein translocase protein TatC'
#
loop_
_entity_poly.entity_id
_entity_poly.type
_entity_poly.pdbx_seq_one_letter_code
_entity_poly.pdbx_strand_id
1 'polypeptide(L)'
;MGMPSGWELLLVVGVIVLLFGGKKIPELAKGLGKGIKDFKQAVKEDEEASAPAKEIENKEASASGTQSEASEVKESQKAW
SHPQFEK
;
F,B,D
2 'polypeptide(L)'
;MFESMKPHLAELRQRLAISVLAVFVGFIIAFTFHNAILGWITKPLNNALIQVGKIVEKREMGTWKISGNEHNATLAPSKS
PALLSDHAQSAEKLHRTLAEASQATQNPKLQKLLSQAASAAEELARNSRILRKALVKEENLTRQAVNQNLREKSFNGMIT
THQVGGAFFVALKVSFFAGILMAMPVILWQLWLFIAPGLYDNEKKMVLPFVVGGSVMFLIGVLFAYYVVTPFGFQFLITF
GSFLYTPLINIEDYVGFFTKILIGFGIAFELPVVAYFLALLGLITDKTLKDYFKYAIVIIFLLAAFLTPPDVLTQLLMAA
PLILLYGLSILIVHYVNPYKPEEKEDDEEEEEDEFEKAEREFEALEKGSESHESGSENLYFQ
;
A,C,E
#
# COMPACT_ATOMS: atom_id res chain seq x y z
N SER A 5 4.89 -11.83 1.63
CA SER A 5 6.31 -11.50 1.56
C SER A 5 6.60 -10.51 0.44
N GLY A 6 7.61 -10.81 -0.36
CA GLY A 6 7.98 -9.94 -1.46
C GLY A 6 9.32 -9.25 -1.26
N TRP A 7 10.36 -9.77 -1.92
CA TRP A 7 11.71 -9.24 -1.88
C TRP A 7 12.36 -9.40 -0.51
N GLU A 8 11.58 -9.87 0.47
CA GLU A 8 12.10 -10.19 1.79
C GLU A 8 12.52 -11.64 1.89
N LEU A 9 11.94 -12.52 1.06
CA LEU A 9 12.38 -13.90 1.00
C LEU A 9 13.82 -14.01 0.53
N LEU A 10 14.33 -12.99 -0.15
CA LEU A 10 15.76 -12.96 -0.48
C LEU A 10 16.61 -12.96 0.77
N LEU A 11 16.24 -12.15 1.76
CA LEU A 11 16.93 -12.20 3.04
C LEU A 11 16.70 -13.54 3.73
N VAL A 12 15.48 -14.07 3.65
CA VAL A 12 15.19 -15.39 4.20
C VAL A 12 16.09 -16.44 3.55
N VAL A 13 16.30 -16.31 2.24
CA VAL A 13 17.26 -17.17 1.56
C VAL A 13 18.65 -16.98 2.13
N GLY A 14 18.99 -15.74 2.48
CA GLY A 14 20.32 -15.46 2.99
C GLY A 14 20.62 -16.14 4.31
N VAL A 15 19.60 -16.24 5.18
CA VAL A 15 19.84 -16.86 6.49
C VAL A 15 20.18 -18.34 6.34
N ILE A 16 19.70 -18.99 5.28
CA ILE A 16 20.12 -20.36 5.02
C ILE A 16 21.58 -20.40 4.60
N VAL A 17 21.98 -19.49 3.71
CA VAL A 17 23.38 -19.47 3.27
C VAL A 17 24.29 -19.12 4.43
N LEU A 18 23.91 -18.15 5.25
CA LEU A 18 24.75 -17.72 6.35
C LEU A 18 24.75 -18.74 7.49
N LEU A 19 23.64 -19.43 7.72
CA LEU A 19 23.50 -20.36 8.84
C LEU A 19 23.24 -21.79 8.37
N PHE A 20 23.79 -22.15 7.22
CA PHE A 20 23.65 -23.50 6.66
C PHE A 20 22.19 -23.93 6.55
N SER B 4 -16.92 -36.63 0.89
CA SER B 4 -15.77 -36.58 1.78
C SER B 4 -16.20 -36.29 3.22
N MET B 5 -15.83 -35.12 3.72
CA MET B 5 -16.17 -34.70 5.08
C MET B 5 -17.51 -33.99 5.12
N LYS B 6 -18.55 -34.65 4.61
CA LYS B 6 -19.89 -34.08 4.56
C LYS B 6 -20.61 -34.16 5.91
N PRO B 7 -20.62 -35.31 6.61
CA PRO B 7 -21.30 -35.35 7.91
C PRO B 7 -20.74 -34.36 8.92
N HIS B 8 -19.43 -34.11 8.90
CA HIS B 8 -18.82 -33.17 9.83
C HIS B 8 -18.78 -31.76 9.26
N LEU B 9 -19.93 -31.26 8.83
CA LEU B 9 -20.01 -29.94 8.23
C LEU B 9 -21.14 -29.13 8.87
N ALA B 10 -22.21 -29.80 9.28
CA ALA B 10 -23.34 -29.11 9.88
C ALA B 10 -22.93 -28.44 11.19
N GLU B 11 -22.15 -29.14 12.01
CA GLU B 11 -21.63 -28.54 13.24
C GLU B 11 -20.75 -27.34 12.92
N LEU B 12 -19.92 -27.45 11.88
CA LEU B 12 -19.10 -26.32 11.47
C LEU B 12 -19.95 -25.14 11.05
N ARG B 13 -21.02 -25.40 10.30
CA ARG B 13 -21.91 -24.32 9.86
C ARG B 13 -22.55 -23.64 11.06
N GLN B 14 -23.03 -24.42 12.03
CA GLN B 14 -23.66 -23.83 13.20
C GLN B 14 -22.67 -23.01 14.02
N ARG B 15 -21.46 -23.54 14.19
CA ARG B 15 -20.45 -22.82 14.95
C ARG B 15 -20.08 -21.51 14.27
N LEU B 16 -19.91 -21.54 12.95
CA LEU B 16 -19.59 -20.31 12.23
C LEU B 16 -20.73 -19.31 12.33
N ALA B 17 -21.97 -19.78 12.23
CA ALA B 17 -23.12 -18.87 12.29
C ALA B 17 -23.20 -18.19 13.65
N ILE B 18 -23.08 -18.97 14.73
CA ILE B 18 -23.17 -18.36 16.05
C ILE B 18 -21.98 -17.46 16.32
N SER B 19 -20.79 -17.81 15.82
CA SER B 19 -19.64 -16.92 15.96
C SER B 19 -19.86 -15.60 15.23
N VAL B 20 -20.43 -15.66 14.02
CA VAL B 20 -20.70 -14.44 13.27
C VAL B 20 -21.72 -13.57 13.99
N LEU B 21 -22.76 -14.20 14.56
CA LEU B 21 -23.75 -13.43 15.31
C LEU B 21 -23.11 -12.76 16.53
N ALA B 22 -22.23 -13.48 17.22
CA ALA B 22 -21.53 -12.90 18.36
C ALA B 22 -20.66 -11.72 17.93
N VAL B 23 -19.96 -11.86 16.81
CA VAL B 23 -19.14 -10.75 16.31
C VAL B 23 -20.01 -9.56 15.97
N PHE B 24 -21.20 -9.82 15.41
CA PHE B 24 -22.11 -8.73 15.06
C PHE B 24 -22.59 -7.98 16.30
N VAL B 25 -22.98 -8.72 17.34
CA VAL B 25 -23.46 -8.06 18.55
C VAL B 25 -22.31 -7.30 19.22
N GLY B 26 -21.10 -7.85 19.17
CA GLY B 26 -19.95 -7.13 19.70
C GLY B 26 -19.68 -5.85 18.93
N PHE B 27 -19.83 -5.89 17.61
CA PHE B 27 -19.64 -4.69 16.80
C PHE B 27 -20.69 -3.65 17.16
N ILE B 28 -21.93 -4.08 17.38
CA ILE B 28 -22.98 -3.13 17.73
C ILE B 28 -22.66 -2.44 19.06
N ILE B 29 -22.27 -3.22 20.06
CA ILE B 29 -21.93 -2.64 21.36
C ILE B 29 -20.73 -1.70 21.23
N ALA B 30 -19.72 -2.12 20.47
CA ALA B 30 -18.52 -1.33 20.33
C ALA B 30 -18.79 -0.02 19.59
N PHE B 31 -19.64 -0.04 18.56
CA PHE B 31 -19.97 1.20 17.89
C PHE B 31 -20.84 2.09 18.76
N THR B 32 -21.63 1.49 19.66
CA THR B 32 -22.35 2.31 20.63
C THR B 32 -21.38 3.04 21.55
N PHE B 33 -20.31 2.37 21.99
CA PHE B 33 -19.36 2.96 22.93
C PHE B 33 -18.09 3.47 22.24
N HIS B 34 -18.15 3.68 20.92
CA HIS B 34 -16.97 4.08 20.16
C HIS B 34 -16.31 5.33 20.69
N ASN B 35 -17.08 6.27 21.23
CA ASN B 35 -16.47 7.49 21.76
C ASN B 35 -15.51 7.16 22.91
N ALA B 36 -15.98 6.37 23.87
CA ALA B 36 -15.13 5.98 24.99
C ALA B 36 -13.95 5.13 24.52
N ILE B 37 -14.20 4.21 23.58
CA ILE B 37 -13.12 3.34 23.12
C ILE B 37 -12.04 4.15 22.41
N LEU B 38 -12.44 5.09 21.56
CA LEU B 38 -11.47 5.92 20.86
C LEU B 38 -10.73 6.85 21.82
N GLY B 39 -11.42 7.36 22.84
CA GLY B 39 -10.72 8.14 23.85
C GLY B 39 -9.68 7.32 24.58
N TRP B 40 -10.01 6.08 24.94
CA TRP B 40 -9.05 5.20 25.58
C TRP B 40 -7.86 4.93 24.67
N ILE B 41 -8.12 4.71 23.38
CA ILE B 41 -7.03 4.45 22.44
C ILE B 41 -6.12 5.67 22.30
N THR B 42 -6.71 6.86 22.23
CA THR B 42 -5.96 8.07 21.91
C THR B 42 -5.42 8.81 23.12
N LYS B 43 -5.74 8.37 24.34
CA LYS B 43 -5.21 9.04 25.52
C LYS B 43 -3.68 9.06 25.57
N PRO B 44 -2.96 7.95 25.36
CA PRO B 44 -1.49 8.02 25.40
C PRO B 44 -0.90 8.98 24.38
N LEU B 45 -1.47 9.03 23.17
CA LEU B 45 -0.96 9.95 22.16
C LEU B 45 -1.15 11.40 22.59
N ASN B 46 -2.31 11.72 23.16
CA ASN B 46 -2.54 13.07 23.64
C ASN B 46 -1.59 13.44 24.76
N ASN B 47 -1.37 12.51 25.71
CA ASN B 47 -0.44 12.79 26.79
C ASN B 47 0.98 12.99 26.28
N ALA B 48 1.41 12.15 25.33
CA ALA B 48 2.74 12.31 24.77
C ALA B 48 2.88 13.64 24.04
N LEU B 49 1.84 14.03 23.29
CA LEU B 49 1.89 15.30 22.59
C LEU B 49 1.99 16.46 23.56
N ILE B 50 1.23 16.41 24.65
CA ILE B 50 1.28 17.49 25.64
C ILE B 50 2.65 17.56 26.29
N GLN B 51 3.21 16.41 26.65
CA GLN B 51 4.53 16.40 27.28
C GLN B 51 5.61 16.93 26.34
N VAL B 52 5.57 16.50 25.08
CA VAL B 52 6.55 16.98 24.11
C VAL B 52 6.39 18.47 23.88
N GLY B 53 5.15 18.96 23.83
CA GLY B 53 4.94 20.38 23.69
C GLY B 53 5.48 21.17 24.86
N LYS B 54 5.29 20.66 26.07
CA LYS B 54 5.85 21.32 27.25
C LYS B 54 7.37 21.35 27.18
N ILE B 55 7.98 20.25 26.75
CA ILE B 55 9.44 20.19 26.63
C ILE B 55 9.92 21.20 25.61
N VAL B 56 9.25 21.28 24.45
CA VAL B 56 9.66 22.21 23.41
C VAL B 56 9.51 23.65 23.88
N GLU B 57 8.39 23.96 24.55
CA GLU B 57 8.19 25.31 25.07
C GLU B 57 9.26 25.66 26.10
N LYS B 58 9.61 24.71 26.97
CA LYS B 58 10.69 24.96 27.93
C LYS B 58 12.02 25.17 27.24
N ARG B 59 12.23 24.51 26.09
CA ARG B 59 13.46 24.71 25.33
C ARG B 59 13.57 26.16 24.84
N GLU B 60 12.47 26.73 24.38
CA GLU B 60 12.46 28.11 23.91
C GLU B 60 12.41 29.07 25.09
N ASN B 156 1.73 23.58 15.68
CA ASN B 156 1.95 22.79 16.90
C ASN B 156 1.56 21.34 16.69
N GLY B 157 1.22 20.66 17.77
CA GLY B 157 0.89 19.23 17.73
C GLY B 157 -0.58 19.00 17.99
N MET B 158 -1.14 18.01 17.28
CA MET B 158 -2.55 17.65 17.42
C MET B 158 -2.75 16.29 16.75
N ILE B 159 -3.91 15.70 16.99
CA ILE B 159 -4.33 14.48 16.31
C ILE B 159 -5.22 14.87 15.15
N THR B 160 -4.84 14.48 13.94
CA THR B 160 -5.53 14.88 12.73
C THR B 160 -6.11 13.67 12.02
N THR B 161 -6.93 13.94 11.02
CA THR B 161 -7.43 12.92 10.10
C THR B 161 -7.13 13.37 8.68
N HIS B 162 -6.49 12.51 7.90
CA HIS B 162 -6.07 12.86 6.56
C HIS B 162 -6.99 12.29 5.48
N GLN B 163 -8.08 11.63 5.86
CA GLN B 163 -9.06 11.12 4.92
C GLN B 163 -10.43 11.69 5.26
N VAL B 164 -11.23 11.93 4.22
CA VAL B 164 -12.56 12.50 4.44
C VAL B 164 -13.42 11.54 5.25
N GLY B 165 -13.36 10.25 4.91
CA GLY B 165 -14.06 9.24 5.67
C GLY B 165 -13.16 8.57 6.69
N GLY B 166 -12.04 9.24 7.01
CA GLY B 166 -11.07 8.66 7.91
C GLY B 166 -11.61 8.46 9.32
N ALA B 167 -12.35 9.45 9.83
CA ALA B 167 -12.90 9.33 11.18
C ALA B 167 -13.91 8.20 11.26
N PHE B 168 -14.83 8.14 10.30
CA PHE B 168 -15.82 7.06 10.29
C PHE B 168 -15.17 5.70 10.12
N PHE B 169 -14.19 5.61 9.23
CA PHE B 169 -13.50 4.33 9.01
C PHE B 169 -12.74 3.90 10.26
N VAL B 170 -12.09 4.85 10.94
CA VAL B 170 -11.37 4.52 12.17
C VAL B 170 -12.34 4.05 13.24
N ALA B 171 -13.47 4.74 13.40
CA ALA B 171 -14.45 4.32 14.39
C ALA B 171 -14.98 2.93 14.08
N LEU B 172 -15.27 2.66 12.80
CA LEU B 172 -15.77 1.34 12.42
C LEU B 172 -14.72 0.27 12.65
N LYS B 173 -13.45 0.55 12.33
CA LYS B 173 -12.40 -0.44 12.53
C LYS B 173 -12.19 -0.73 14.00
N VAL B 174 -12.20 0.31 14.84
CA VAL B 174 -12.03 0.11 16.27
C VAL B 174 -13.20 -0.69 16.83
N SER B 175 -14.42 -0.37 16.37
CA SER B 175 -15.59 -1.11 16.82
C SER B 175 -15.51 -2.58 16.40
N PHE B 176 -15.07 -2.84 15.17
CA PHE B 176 -14.95 -4.21 14.70
C PHE B 176 -13.91 -4.99 15.50
N PHE B 177 -12.77 -4.36 15.78
CA PHE B 177 -11.74 -5.01 16.59
C PHE B 177 -12.24 -5.30 17.99
N ALA B 178 -12.95 -4.34 18.60
CA ALA B 178 -13.48 -4.56 19.94
C ALA B 178 -14.52 -5.66 19.94
N GLY B 179 -15.36 -5.72 18.91
CA GLY B 179 -16.36 -6.77 18.83
C GLY B 179 -15.72 -8.14 18.67
N ILE B 180 -14.67 -8.24 17.85
CA ILE B 180 -13.94 -9.50 17.73
C ILE B 180 -13.35 -9.89 19.07
N LEU B 181 -12.75 -8.92 19.78
CA LEU B 181 -12.24 -9.20 21.11
C LEU B 181 -13.36 -9.54 22.07
N MET B 182 -14.49 -8.83 21.99
CA MET B 182 -15.62 -9.10 22.85
C MET B 182 -16.28 -10.44 22.53
N ALA B 183 -16.13 -10.93 21.30
CA ALA B 183 -16.65 -12.23 20.90
C ALA B 183 -15.63 -13.34 21.07
N MET B 184 -14.45 -13.04 21.60
CA MET B 184 -13.47 -14.10 21.83
C MET B 184 -13.95 -15.18 22.79
N PRO B 185 -14.60 -14.88 23.93
CA PRO B 185 -15.09 -15.98 24.78
C PRO B 185 -16.05 -16.91 24.06
N VAL B 186 -17.00 -16.37 23.30
CA VAL B 186 -17.90 -17.23 22.54
C VAL B 186 -17.22 -17.84 21.33
N ILE B 187 -16.19 -17.18 20.78
CA ILE B 187 -15.39 -17.81 19.73
C ILE B 187 -14.76 -19.10 20.26
N LEU B 188 -14.19 -19.04 21.47
CA LEU B 188 -13.61 -20.25 22.06
C LEU B 188 -14.69 -21.22 22.49
N TRP B 189 -15.86 -20.73 22.89
CA TRP B 189 -16.99 -21.60 23.16
C TRP B 189 -17.31 -22.45 21.95
N GLN B 190 -17.35 -21.84 20.77
CA GLN B 190 -17.65 -22.58 19.55
C GLN B 190 -16.48 -23.47 19.14
N LEU B 191 -15.26 -22.98 19.26
CA LEU B 191 -14.10 -23.73 18.79
C LEU B 191 -13.89 -24.99 19.63
N TRP B 192 -13.92 -24.83 20.96
CA TRP B 192 -13.70 -25.98 21.83
C TRP B 192 -14.80 -27.02 21.68
N LEU B 193 -16.05 -26.57 21.56
CA LEU B 193 -17.16 -27.50 21.39
C LEU B 193 -17.07 -28.27 20.07
N PHE B 194 -16.37 -27.71 19.07
CA PHE B 194 -16.24 -28.41 17.80
C PHE B 194 -15.45 -29.71 17.96
N ILE B 195 -14.31 -29.65 18.63
CA ILE B 195 -13.49 -30.85 18.87
C ILE B 195 -13.97 -31.43 20.20
N ALA B 196 -15.08 -32.15 20.13
CA ALA B 196 -15.63 -32.82 21.31
C ALA B 196 -14.97 -34.17 21.57
N PRO B 197 -14.84 -35.06 20.58
CA PRO B 197 -14.29 -36.40 20.86
C PRO B 197 -12.77 -36.50 20.76
N GLY B 198 -12.09 -35.48 20.23
CA GLY B 198 -10.65 -35.55 20.09
C GLY B 198 -9.95 -35.67 21.42
N LEU B 199 -10.34 -34.85 22.38
CA LEU B 199 -9.77 -34.89 23.73
C LEU B 199 -10.64 -35.83 24.58
N TYR B 200 -10.26 -37.10 24.59
CA TYR B 200 -11.10 -38.13 25.19
C TYR B 200 -11.30 -37.92 26.70
N ASP B 201 -10.24 -38.08 27.48
CA ASP B 201 -10.39 -37.95 28.94
C ASP B 201 -9.29 -37.14 29.62
N ASN B 202 -8.06 -37.11 29.12
CA ASN B 202 -6.95 -36.47 29.82
C ASN B 202 -6.65 -35.08 29.26
N GLU B 203 -6.34 -34.99 27.97
CA GLU B 203 -6.11 -33.69 27.36
C GLU B 203 -7.35 -32.81 27.43
N LYS B 204 -8.54 -33.42 27.55
CA LYS B 204 -9.74 -32.63 27.78
C LYS B 204 -9.63 -31.81 29.05
N LYS B 205 -8.99 -32.36 30.09
CA LYS B 205 -8.77 -31.62 31.33
C LYS B 205 -7.48 -30.84 31.32
N MET B 206 -6.51 -31.18 30.47
CA MET B 206 -5.27 -30.43 30.40
C MET B 206 -5.37 -29.17 29.54
N VAL B 207 -6.32 -29.13 28.61
CA VAL B 207 -6.40 -27.98 27.71
C VAL B 207 -6.89 -26.73 28.44
N LEU B 208 -7.85 -26.90 29.35
CA LEU B 208 -8.47 -25.74 29.99
C LEU B 208 -7.48 -24.86 30.74
N PRO B 209 -6.59 -25.38 31.60
CA PRO B 209 -5.60 -24.49 32.23
C PRO B 209 -4.71 -23.79 31.22
N PHE B 210 -4.36 -24.47 30.13
CA PHE B 210 -3.48 -23.86 29.13
C PHE B 210 -4.15 -22.66 28.49
N VAL B 211 -5.39 -22.81 28.03
CA VAL B 211 -6.08 -21.71 27.36
C VAL B 211 -6.38 -20.60 28.35
N VAL B 212 -6.73 -20.95 29.59
CA VAL B 212 -6.99 -19.93 30.61
C VAL B 212 -5.73 -19.10 30.86
N GLY B 213 -4.60 -19.78 31.04
CA GLY B 213 -3.35 -19.07 31.25
C GLY B 213 -2.94 -18.22 30.07
N GLY B 214 -3.12 -18.75 28.85
CA GLY B 214 -2.80 -17.98 27.67
C GLY B 214 -3.64 -16.72 27.55
N SER B 215 -4.95 -16.84 27.81
CA SER B 215 -5.82 -15.67 27.74
C SER B 215 -5.46 -14.65 28.81
N VAL B 216 -5.22 -15.10 30.04
CA VAL B 216 -4.93 -14.16 31.12
C VAL B 216 -3.59 -13.47 30.87
N MET B 217 -2.61 -14.20 30.34
CA MET B 217 -1.34 -13.57 30.03
C MET B 217 -1.45 -12.63 28.84
N PHE B 218 -2.30 -12.94 27.87
CA PHE B 218 -2.50 -12.00 26.77
C PHE B 218 -3.11 -10.70 27.26
N LEU B 219 -4.12 -10.79 28.14
CA LEU B 219 -4.72 -9.58 28.67
C LEU B 219 -3.74 -8.80 29.54
N ILE B 220 -2.93 -9.51 30.33
CA ILE B 220 -1.95 -8.81 31.16
C ILE B 220 -0.87 -8.17 30.29
N GLY B 221 -0.53 -8.80 29.17
CA GLY B 221 0.43 -8.19 28.25
C GLY B 221 -0.13 -6.95 27.60
N VAL B 222 -1.40 -6.99 27.19
CA VAL B 222 -2.02 -5.79 26.62
C VAL B 222 -2.05 -4.68 27.65
N LEU B 223 -2.41 -5.00 28.89
CA LEU B 223 -2.43 -3.99 29.95
C LEU B 223 -1.04 -3.41 30.20
N PHE B 224 -0.02 -4.27 30.23
CA PHE B 224 1.35 -3.81 30.44
C PHE B 224 1.81 -2.91 29.29
N ALA B 225 1.46 -3.28 28.06
CA ALA B 225 1.85 -2.46 26.92
C ALA B 225 1.15 -1.11 26.94
N TYR B 226 -0.11 -1.09 27.34
CA TYR B 226 -0.87 0.17 27.34
C TYR B 226 -0.41 1.09 28.46
N TYR B 227 -0.23 0.56 29.67
CA TYR B 227 0.00 1.39 30.85
C TYR B 227 1.46 1.58 31.19
N VAL B 228 2.38 0.82 30.59
CA VAL B 228 3.79 0.95 30.96
C VAL B 228 4.63 1.27 29.72
N VAL B 229 4.61 0.38 28.74
CA VAL B 229 5.51 0.51 27.60
C VAL B 229 5.15 1.73 26.76
N THR B 230 3.87 1.89 26.44
CA THR B 230 3.46 2.98 25.53
C THR B 230 3.73 4.35 26.12
N PRO B 231 3.33 4.69 27.35
CA PRO B 231 3.56 6.07 27.83
C PRO B 231 5.02 6.48 27.84
N PHE B 232 5.93 5.55 28.14
CA PHE B 232 7.35 5.85 28.12
C PHE B 232 7.99 5.63 26.75
N GLY B 233 7.24 5.07 25.80
CA GLY B 233 7.80 4.84 24.48
C GLY B 233 7.35 5.85 23.46
N PHE B 234 6.04 6.16 23.47
CA PHE B 234 5.50 7.11 22.51
C PHE B 234 6.20 8.45 22.60
N GLN B 235 6.43 8.93 23.83
CA GLN B 235 7.21 10.15 24.03
C GLN B 235 8.55 10.06 23.33
N PHE B 236 9.26 8.95 23.54
CA PHE B 236 10.56 8.78 22.87
C PHE B 236 10.41 8.76 21.36
N LEU B 237 9.29 8.23 20.86
CA LEU B 237 9.08 8.22 19.42
C LEU B 237 8.73 9.59 18.88
N ILE B 238 8.28 10.51 19.73
CA ILE B 238 7.90 11.84 19.30
C ILE B 238 9.00 12.86 19.63
N THR B 239 9.62 12.72 20.79
CA THR B 239 10.72 13.61 21.15
C THR B 239 11.93 13.44 20.23
N PHE B 240 12.06 12.27 19.59
CA PHE B 240 13.17 12.05 18.67
C PHE B 240 13.12 13.01 17.50
N GLY B 241 11.94 13.19 16.91
CA GLY B 241 11.75 14.11 15.81
C GLY B 241 11.13 15.44 16.19
N SER B 242 11.06 15.77 17.47
CA SER B 242 10.44 17.02 17.89
C SER B 242 11.30 18.23 17.57
N PHE B 243 12.59 18.03 17.31
CA PHE B 243 13.48 19.14 16.99
C PHE B 243 13.73 19.30 15.50
N LEU B 244 13.07 18.50 14.66
CA LEU B 244 13.29 18.60 13.22
C LEU B 244 11.98 18.72 12.46
N TYR B 245 10.91 18.13 12.98
CA TYR B 245 9.64 18.07 12.27
C TYR B 245 8.51 18.41 13.24
N THR B 246 7.28 18.38 12.72
CA THR B 246 6.09 18.70 13.49
C THR B 246 5.18 17.48 13.53
N PRO B 247 4.79 17.00 14.70
CA PRO B 247 4.04 15.74 14.78
C PRO B 247 2.55 15.88 14.51
N LEU B 248 2.15 15.84 13.23
CA LEU B 248 0.75 15.81 12.85
C LEU B 248 0.34 14.37 12.61
N ILE B 249 -0.01 13.69 13.71
CA ILE B 249 -0.28 12.25 13.66
C ILE B 249 -1.72 12.02 13.23
N ASN B 250 -1.89 11.21 12.20
CA ASN B 250 -3.22 10.86 11.71
C ASN B 250 -3.78 9.68 12.48
N ILE B 251 -5.08 9.73 12.74
CA ILE B 251 -5.72 8.66 13.50
C ILE B 251 -5.75 7.36 12.70
N GLU B 252 -5.80 7.45 11.37
CA GLU B 252 -5.92 6.26 10.54
C GLU B 252 -4.70 5.35 10.69
N ASP B 253 -3.50 5.93 10.73
CA ASP B 253 -2.31 5.12 10.92
C ASP B 253 -2.04 4.85 12.40
N TYR B 254 -2.42 5.79 13.28
CA TYR B 254 -2.19 5.59 14.71
C TYR B 254 -2.98 4.41 15.24
N VAL B 255 -4.22 4.24 14.79
CA VAL B 255 -5.03 3.12 15.27
C VAL B 255 -4.37 1.80 14.90
N GLY B 256 -3.91 1.67 13.66
CA GLY B 256 -3.22 0.47 13.25
C GLY B 256 -1.94 0.23 14.03
N PHE B 257 -1.15 1.28 14.22
CA PHE B 257 0.10 1.15 14.96
C PHE B 257 -0.16 0.70 16.40
N PHE B 258 -1.14 1.32 17.06
CA PHE B 258 -1.44 0.99 18.45
C PHE B 258 -1.99 -0.43 18.56
N THR B 259 -2.88 -0.82 17.65
CA THR B 259 -3.41 -2.18 17.69
C THR B 259 -2.30 -3.21 17.47
N LYS B 260 -1.40 -2.93 16.52
CA LYS B 260 -0.30 -3.86 16.27
C LYS B 260 0.60 -3.97 17.50
N ILE B 261 0.92 -2.85 18.14
CA ILE B 261 1.78 -2.89 19.32
C ILE B 261 1.11 -3.69 20.44
N LEU B 262 -0.17 -3.42 20.68
CA LEU B 262 -0.88 -4.10 21.77
C LEU B 262 -0.97 -5.60 21.50
N ILE B 263 -1.33 -5.97 20.27
CA ILE B 263 -1.48 -7.40 19.95
C ILE B 263 -0.13 -8.10 20.03
N GLY B 264 0.92 -7.47 19.51
CA GLY B 264 2.24 -8.09 19.55
C GLY B 264 2.75 -8.26 20.97
N PHE B 265 2.54 -7.25 21.82
CA PHE B 265 2.99 -7.36 23.20
C PHE B 265 2.17 -8.39 23.96
N GLY B 266 0.90 -8.55 23.61
CA GLY B 266 0.13 -9.65 24.18
C GLY B 266 0.70 -11.00 23.79
N ILE B 267 1.03 -11.15 22.51
CA ILE B 267 1.68 -12.39 22.05
C ILE B 267 3.08 -12.49 22.65
N ALA B 268 3.77 -11.35 22.79
CA ALA B 268 5.11 -11.36 23.36
C ALA B 268 5.11 -11.86 24.81
N PHE B 269 3.98 -11.75 25.50
CA PHE B 269 3.85 -12.31 26.85
C PHE B 269 3.14 -13.65 26.85
N GLU B 270 2.75 -14.16 25.68
CA GLU B 270 2.13 -15.47 25.57
C GLU B 270 3.13 -16.56 25.16
N LEU B 271 4.06 -16.24 24.27
CA LEU B 271 5.06 -17.23 23.85
C LEU B 271 5.89 -17.74 25.01
N PRO B 272 6.41 -16.90 25.92
CA PRO B 272 7.06 -17.47 27.10
C PRO B 272 6.05 -17.78 28.19
N VAL B 273 4.88 -18.31 27.80
CA VAL B 273 3.99 -19.00 28.71
C VAL B 273 3.60 -20.32 28.08
N VAL B 274 3.54 -20.36 26.75
CA VAL B 274 3.36 -21.63 26.08
C VAL B 274 4.67 -22.42 26.15
N ALA B 275 5.80 -21.73 26.13
CA ALA B 275 7.07 -22.40 26.40
C ALA B 275 7.06 -23.03 27.80
N TYR B 276 6.57 -22.28 28.79
CA TYR B 276 6.51 -22.82 30.15
C TYR B 276 5.58 -24.03 30.22
N PHE B 277 4.41 -23.92 29.61
CA PHE B 277 3.46 -25.04 29.64
C PHE B 277 4.05 -26.28 28.98
N LEU B 278 4.65 -26.11 27.80
CA LEU B 278 5.23 -27.24 27.10
C LEU B 278 6.40 -27.84 27.87
N ALA B 279 7.23 -27.00 28.49
CA ALA B 279 8.38 -27.50 29.22
C ALA B 279 7.97 -28.25 30.48
N LEU B 280 7.06 -27.66 31.25
CA LEU B 280 6.61 -28.33 32.48
C LEU B 280 5.82 -29.59 32.15
N LEU B 281 5.14 -29.63 31.01
CA LEU B 281 4.46 -30.84 30.59
C LEU B 281 5.44 -31.97 30.34
N GLY B 282 6.70 -31.66 30.02
CA GLY B 282 7.72 -32.65 29.79
C GLY B 282 7.86 -33.09 28.35
N LEU B 283 7.01 -32.61 27.44
CA LEU B 283 7.11 -33.00 26.05
C LEU B 283 8.40 -32.50 25.43
N ILE B 284 8.82 -31.29 25.78
CA ILE B 284 10.01 -30.67 25.21
C ILE B 284 10.99 -30.36 26.34
N THR B 285 12.26 -30.69 26.11
CA THR B 285 13.33 -30.41 27.05
C THR B 285 14.23 -29.31 26.49
N ASP B 286 15.32 -29.04 27.21
CA ASP B 286 16.27 -28.04 26.76
C ASP B 286 17.01 -28.51 25.51
N LYS B 287 17.24 -29.81 25.38
CA LYS B 287 17.97 -30.33 24.23
C LYS B 287 17.22 -30.06 22.93
N THR B 288 15.91 -30.23 22.93
CA THR B 288 15.13 -30.04 21.71
C THR B 288 15.23 -28.61 21.20
N LEU B 289 15.13 -27.63 22.11
CA LEU B 289 15.19 -26.24 21.68
C LEU B 289 16.62 -25.81 21.36
N LYS B 290 17.60 -26.31 22.12
CA LYS B 290 18.99 -25.94 21.87
C LYS B 290 19.48 -26.48 20.53
N ASP B 291 19.17 -27.74 20.23
CA ASP B 291 19.62 -28.33 18.98
C ASP B 291 18.96 -27.68 17.78
N TYR B 292 17.65 -27.44 17.87
CA TYR B 292 16.89 -26.84 16.77
C TYR B 292 16.90 -25.32 16.87
N PHE B 293 18.12 -24.78 16.94
CA PHE B 293 18.31 -23.33 17.01
C PHE B 293 18.46 -22.71 15.62
N LYS B 294 19.31 -23.30 14.77
CA LYS B 294 19.54 -22.73 13.45
C LYS B 294 18.26 -22.69 12.63
N TYR B 295 17.48 -23.78 12.67
CA TYR B 295 16.24 -23.82 11.91
C TYR B 295 15.31 -22.68 12.32
N ALA B 296 15.26 -22.39 13.61
CA ALA B 296 14.43 -21.27 14.08
C ALA B 296 14.83 -19.98 13.39
N ILE B 297 16.15 -19.76 13.22
CA ILE B 297 16.65 -18.55 12.57
C ILE B 297 15.94 -18.34 11.23
N VAL B 298 15.56 -19.42 10.57
CA VAL B 298 14.84 -19.31 9.32
C VAL B 298 13.40 -18.89 9.57
N ILE B 299 12.67 -19.70 10.34
CA ILE B 299 11.21 -19.55 10.37
C ILE B 299 10.82 -18.21 10.97
N ILE B 300 11.54 -17.78 12.01
CA ILE B 300 11.28 -16.46 12.58
C ILE B 300 11.43 -15.40 11.51
N PHE B 301 12.54 -15.44 10.77
CA PHE B 301 12.74 -14.48 9.69
C PHE B 301 11.65 -14.63 8.63
N LEU B 302 11.12 -15.83 8.46
CA LEU B 302 9.96 -15.99 7.60
C LEU B 302 8.71 -15.41 8.24
N LEU B 303 8.49 -15.72 9.52
CA LEU B 303 7.32 -15.20 10.20
C LEU B 303 7.39 -13.67 10.28
N ALA B 304 8.56 -13.15 10.65
CA ALA B 304 8.73 -11.70 10.66
C ALA B 304 8.55 -11.11 9.26
N ALA B 305 8.73 -11.93 8.21
CA ALA B 305 8.50 -11.45 6.86
C ALA B 305 7.03 -11.33 6.53
N PHE B 306 6.17 -12.09 7.20
CA PHE B 306 4.74 -12.08 6.90
C PHE B 306 3.94 -11.15 7.79
N LEU B 307 4.55 -10.55 8.81
CA LEU B 307 3.87 -9.68 9.74
C LEU B 307 4.29 -8.23 9.60
N THR B 308 4.90 -7.85 8.48
CA THR B 308 5.50 -6.54 8.34
C THR B 308 5.21 -5.99 6.95
N PRO B 309 5.26 -4.68 6.77
CA PRO B 309 5.26 -4.11 5.42
C PRO B 309 6.45 -4.63 4.61
N PRO B 310 6.41 -4.49 3.28
CA PRO B 310 7.43 -5.14 2.45
C PRO B 310 8.86 -4.69 2.69
N ASP B 311 9.09 -3.63 3.46
CA ASP B 311 10.45 -3.15 3.66
C ASP B 311 11.29 -4.17 4.40
N VAL B 312 12.57 -4.25 4.03
CA VAL B 312 13.49 -5.21 4.66
C VAL B 312 13.85 -4.75 6.08
N LEU B 313 14.02 -3.44 6.27
CA LEU B 313 14.45 -2.94 7.57
C LEU B 313 13.43 -3.28 8.65
N THR B 314 12.15 -3.10 8.36
CA THR B 314 11.13 -3.45 9.35
C THR B 314 11.02 -4.96 9.54
N GLN B 315 11.37 -5.73 8.51
CA GLN B 315 11.46 -7.19 8.68
C GLN B 315 12.52 -7.54 9.70
N LEU B 316 13.69 -6.92 9.61
CA LEU B 316 14.73 -7.14 10.61
C LEU B 316 14.30 -6.64 11.98
N LEU B 317 13.64 -5.48 12.02
CA LEU B 317 13.18 -4.91 13.28
C LEU B 317 12.08 -5.73 13.94
N MET B 318 11.41 -6.59 13.18
CA MET B 318 10.47 -7.53 13.76
C MET B 318 11.12 -8.86 14.12
N ALA B 319 12.12 -9.28 13.34
CA ALA B 319 12.80 -10.53 13.63
C ALA B 319 13.63 -10.44 14.90
N ALA B 320 14.21 -9.27 15.18
CA ALA B 320 15.05 -9.14 16.37
C ALA B 320 14.30 -9.41 17.67
N PRO B 321 13.15 -8.79 17.93
CA PRO B 321 12.41 -9.14 19.16
C PRO B 321 11.98 -10.59 19.20
N LEU B 322 11.65 -11.20 18.06
CA LEU B 322 11.31 -12.62 18.05
C LEU B 322 12.50 -13.48 18.41
N ILE B 323 13.70 -13.09 17.95
CA ILE B 323 14.91 -13.80 18.35
C ILE B 323 15.16 -13.66 19.84
N LEU B 324 14.95 -12.45 20.38
CA LEU B 324 15.10 -12.26 21.81
C LEU B 324 14.11 -13.13 22.59
N LEU B 325 12.88 -13.23 22.09
CA LEU B 325 11.88 -14.07 22.75
C LEU B 325 12.26 -15.55 22.68
N TYR B 326 12.84 -15.97 21.55
CA TYR B 326 13.32 -17.35 21.45
C TYR B 326 14.42 -17.62 22.46
N GLY B 327 15.35 -16.68 22.62
CA GLY B 327 16.38 -16.84 23.65
C GLY B 327 15.78 -16.87 25.05
N LEU B 328 14.77 -16.03 25.30
CA LEU B 328 14.12 -16.01 26.60
C LEU B 328 13.46 -17.36 26.88
N SER B 329 12.78 -17.93 25.89
CA SER B 329 12.19 -19.25 26.07
C SER B 329 13.27 -20.30 26.32
N ILE B 330 14.38 -20.21 25.59
CA ILE B 330 15.49 -21.14 25.78
C ILE B 330 15.95 -21.10 27.24
N LEU B 331 16.08 -19.90 27.79
CA LEU B 331 16.43 -19.78 29.20
C LEU B 331 15.33 -20.34 30.10
N ILE B 332 14.07 -20.14 29.70
CA ILE B 332 12.94 -20.53 30.54
C ILE B 332 12.84 -22.05 30.68
N VAL B 333 13.17 -22.80 29.63
CA VAL B 333 13.06 -24.26 29.71
C VAL B 333 13.90 -24.77 30.88
N HIS B 334 13.25 -25.31 31.89
CA HIS B 334 13.91 -25.85 33.08
C HIS B 334 13.06 -26.97 33.69
N SER C 4 -2.96 -19.13 -35.42
CA SER C 4 -4.27 -19.16 -34.77
C SER C 4 -5.15 -18.02 -35.24
N MET C 5 -5.44 -17.09 -34.34
CA MET C 5 -6.29 -15.93 -34.67
C MET C 5 -5.44 -14.79 -35.24
N LYS C 6 -4.70 -15.11 -36.29
CA LYS C 6 -3.80 -14.16 -36.93
C LYS C 6 -4.55 -13.19 -37.85
N PRO C 7 -5.45 -13.64 -38.73
CA PRO C 7 -6.16 -12.67 -39.58
C PRO C 7 -6.96 -11.64 -38.81
N HIS C 8 -7.52 -12.00 -37.66
CA HIS C 8 -8.30 -11.07 -36.85
C HIS C 8 -7.44 -10.35 -35.81
N LEU C 9 -6.37 -9.73 -36.29
CA LEU C 9 -5.46 -9.01 -35.39
C LEU C 9 -5.19 -7.61 -35.92
N ALA C 10 -5.18 -7.45 -37.24
CA ALA C 10 -4.92 -6.13 -37.83
C ALA C 10 -6.01 -5.14 -37.46
N GLU C 11 -7.27 -5.57 -37.51
CA GLU C 11 -8.36 -4.71 -37.07
C GLU C 11 -8.22 -4.37 -35.59
N LEU C 12 -7.84 -5.35 -34.77
CA LEU C 12 -7.60 -5.10 -33.36
C LEU C 12 -6.49 -4.08 -33.16
N ARG C 13 -5.41 -4.21 -33.95
CA ARG C 13 -4.30 -3.26 -33.84
C ARG C 13 -4.77 -1.85 -34.18
N GLN C 14 -5.55 -1.71 -35.25
CA GLN C 14 -6.02 -0.38 -35.63
C GLN C 14 -6.96 0.20 -34.59
N ARG C 15 -7.85 -0.64 -34.05
CA ARG C 15 -8.77 -0.17 -33.02
C ARG C 15 -8.01 0.31 -31.79
N LEU C 16 -7.02 -0.45 -31.36
CA LEU C 16 -6.23 -0.03 -30.19
C LEU C 16 -5.43 1.24 -30.50
N ALA C 17 -4.94 1.38 -31.73
CA ALA C 17 -4.20 2.60 -32.08
C ALA C 17 -5.10 3.83 -32.00
N ILE C 18 -6.30 3.73 -32.56
CA ILE C 18 -7.22 4.87 -32.50
C ILE C 18 -7.64 5.14 -31.05
N SER C 19 -7.81 4.08 -30.26
CA SER C 19 -8.14 4.25 -28.85
C SER C 19 -7.04 4.99 -28.10
N VAL C 20 -5.79 4.61 -28.36
CA VAL C 20 -4.66 5.26 -27.69
C VAL C 20 -4.56 6.72 -28.10
N LEU C 21 -4.74 7.01 -29.39
CA LEU C 21 -4.71 8.40 -29.83
C LEU C 21 -5.83 9.22 -29.19
N ALA C 22 -7.01 8.63 -29.06
CA ALA C 22 -8.12 9.32 -28.42
C ALA C 22 -7.82 9.60 -26.94
N VAL C 23 -7.25 8.61 -26.24
CA VAL C 23 -6.89 8.83 -24.85
C VAL C 23 -5.84 9.93 -24.74
N PHE C 24 -4.91 9.98 -25.69
CA PHE C 24 -3.86 10.99 -25.66
C PHE C 24 -4.44 12.40 -25.84
N VAL C 25 -5.32 12.58 -26.82
CA VAL C 25 -5.88 13.91 -27.05
C VAL C 25 -6.77 14.32 -25.88
N GLY C 26 -7.53 13.37 -25.33
CA GLY C 26 -8.30 13.67 -24.13
C GLY C 26 -7.43 14.08 -22.98
N PHE C 27 -6.29 13.40 -22.81
CA PHE C 27 -5.36 13.77 -21.74
C PHE C 27 -4.82 15.17 -21.95
N ILE C 28 -4.50 15.53 -23.19
CA ILE C 28 -3.97 16.86 -23.46
C ILE C 28 -5.01 17.92 -23.10
N ILE C 29 -6.25 17.72 -23.54
CA ILE C 29 -7.31 18.69 -23.24
C ILE C 29 -7.53 18.78 -21.74
N ALA C 30 -7.56 17.63 -21.05
CA ALA C 30 -7.81 17.63 -19.62
C ALA C 30 -6.69 18.29 -18.85
N PHE C 31 -5.44 18.08 -19.26
CA PHE C 31 -4.35 18.78 -18.59
C PHE C 31 -4.39 20.27 -18.84
N THR C 32 -4.87 20.68 -20.02
CA THR C 32 -5.05 22.10 -20.27
C THR C 32 -6.10 22.69 -19.33
N PHE C 33 -7.20 21.97 -19.09
CA PHE C 33 -8.28 22.45 -18.24
C PHE C 33 -8.18 21.94 -16.79
N HIS C 34 -7.00 21.44 -16.40
CA HIS C 34 -6.84 20.82 -15.08
C HIS C 34 -7.24 21.74 -13.94
N ASN C 35 -7.04 23.05 -14.09
CA ASN C 35 -7.44 23.95 -13.01
C ASN C 35 -8.94 23.89 -12.77
N ALA C 36 -9.72 24.00 -13.85
CA ALA C 36 -11.18 23.94 -13.72
C ALA C 36 -11.63 22.57 -13.23
N ILE C 37 -11.01 21.50 -13.75
CA ILE C 37 -11.42 20.17 -13.34
C ILE C 37 -11.14 19.93 -11.86
N LEU C 38 -9.95 20.36 -11.39
CA LEU C 38 -9.62 20.19 -9.98
C LEU C 38 -10.50 21.05 -9.09
N GLY C 39 -10.85 22.27 -9.54
CA GLY C 39 -11.79 23.07 -8.78
C GLY C 39 -13.15 22.40 -8.67
N TRP C 40 -13.63 21.82 -9.76
CA TRP C 40 -14.90 21.11 -9.72
C TRP C 40 -14.84 19.92 -8.77
N ILE C 41 -13.71 19.20 -8.78
CA ILE C 41 -13.57 18.04 -7.90
C ILE C 41 -13.54 18.47 -6.44
N THR C 42 -12.84 19.57 -6.14
CA THR C 42 -12.61 19.97 -4.75
C THR C 42 -13.67 20.89 -4.18
N LYS C 43 -14.62 21.35 -5.00
CA LYS C 43 -15.68 22.22 -4.47
C LYS C 43 -16.47 21.59 -3.33
N PRO C 44 -16.96 20.34 -3.43
CA PRO C 44 -17.69 19.76 -2.29
C PRO C 44 -16.88 19.69 -1.01
N LEU C 45 -15.59 19.36 -1.12
CA LEU C 45 -14.75 19.29 0.07
C LEU C 45 -14.60 20.66 0.72
N ASN C 46 -14.39 21.71 -0.10
CA ASN C 46 -14.27 23.05 0.44
C ASN C 46 -15.56 23.48 1.12
N ASN C 47 -16.70 23.21 0.49
CA ASN C 47 -17.98 23.58 1.10
C ASN C 47 -18.20 22.84 2.41
N ALA C 48 -17.88 21.55 2.45
CA ALA C 48 -18.05 20.78 3.68
C ALA C 48 -17.14 21.31 4.77
N LEU C 49 -15.90 21.65 4.42
CA LEU C 49 -14.97 22.18 5.42
C LEU C 49 -15.47 23.51 5.97
N ILE C 50 -15.99 24.38 5.11
CA ILE C 50 -16.49 25.67 5.57
C ILE C 50 -17.69 25.48 6.49
N GLN C 51 -18.61 24.59 6.12
CA GLN C 51 -19.78 24.35 6.96
C GLN C 51 -19.38 23.76 8.32
N VAL C 52 -18.44 22.81 8.32
CA VAL C 52 -17.99 22.22 9.57
C VAL C 52 -17.31 23.26 10.44
N GLY C 53 -16.50 24.13 9.83
CA GLY C 53 -15.88 25.20 10.59
C GLY C 53 -16.87 26.15 11.20
N LYS C 54 -17.92 26.49 10.44
CA LYS C 54 -18.97 27.35 10.99
C LYS C 54 -19.66 26.67 12.17
N ILE C 55 -19.94 25.37 12.04
CA ILE C 55 -20.60 24.64 13.13
C ILE C 55 -19.70 24.63 14.37
N VAL C 56 -18.41 24.37 14.19
CA VAL C 56 -17.49 24.32 15.32
C VAL C 56 -17.37 25.68 15.99
N GLU C 57 -17.27 26.74 15.18
CA GLU C 57 -17.19 28.09 15.74
C GLU C 57 -18.47 28.44 16.51
N LYS C 58 -19.62 28.05 15.98
CA LYS C 58 -20.87 28.28 16.69
C LYS C 58 -20.91 27.50 18.02
N ARG C 59 -20.35 26.29 18.02
CA ARG C 59 -20.29 25.52 19.25
C ARG C 59 -19.46 26.21 20.31
N GLU C 60 -18.33 26.79 19.91
CA GLU C 60 -17.47 27.50 20.85
C GLU C 60 -18.00 28.90 21.13
N ASN C 156 -7.09 24.63 12.17
CA ASN C 156 -8.34 24.74 11.42
C ASN C 156 -8.41 23.69 10.32
N GLY C 157 -9.16 23.99 9.27
CA GLY C 157 -9.35 23.06 8.16
C GLY C 157 -8.87 23.64 6.85
N MET C 158 -8.27 22.78 6.02
CA MET C 158 -7.79 23.18 4.70
C MET C 158 -7.52 21.91 3.90
N ILE C 159 -7.30 22.10 2.61
CA ILE C 159 -6.89 21.01 1.71
C ILE C 159 -5.38 21.06 1.59
N THR C 160 -4.72 19.97 1.92
CA THR C 160 -3.27 19.93 1.97
C THR C 160 -2.74 18.91 0.96
N THR C 161 -1.42 18.94 0.77
CA THR C 161 -0.71 17.96 -0.02
C THR C 161 0.44 17.41 0.80
N HIS C 162 0.51 16.08 0.92
CA HIS C 162 1.52 15.43 1.74
C HIS C 162 2.67 14.86 0.92
N GLN C 163 2.69 15.06 -0.39
CA GLN C 163 3.78 14.63 -1.24
C GLN C 163 4.29 15.82 -2.03
N VAL C 164 5.61 15.84 -2.27
CA VAL C 164 6.21 16.96 -2.99
C VAL C 164 5.66 17.03 -4.40
N GLY C 165 5.55 15.89 -5.07
CA GLY C 165 4.95 15.84 -6.38
C GLY C 165 3.48 15.49 -6.31
N GLY C 166 2.89 15.65 -5.13
CA GLY C 166 1.50 15.27 -4.94
C GLY C 166 0.55 16.09 -5.79
N ALA C 167 0.77 17.40 -5.87
CA ALA C 167 -0.10 18.25 -6.68
C ALA C 167 0.01 17.89 -8.16
N PHE C 168 1.24 17.71 -8.65
CA PHE C 168 1.43 17.35 -10.05
C PHE C 168 0.88 15.97 -10.34
N PHE C 169 1.09 15.01 -9.43
CA PHE C 169 0.55 13.67 -9.64
C PHE C 169 -0.97 13.69 -9.65
N VAL C 170 -1.58 14.48 -8.77
CA VAL C 170 -3.05 14.58 -8.75
C VAL C 170 -3.55 15.20 -10.04
N ALA C 171 -2.88 16.27 -10.50
CA ALA C 171 -3.29 16.90 -11.75
C ALA C 171 -3.18 15.92 -12.92
N LEU C 172 -2.08 15.17 -12.98
CA LEU C 172 -1.92 14.20 -14.05
C LEU C 172 -2.96 13.11 -13.99
N LYS C 173 -3.26 12.60 -12.78
CA LYS C 173 -4.23 11.53 -12.63
C LYS C 173 -5.63 11.99 -13.02
N VAL C 174 -6.01 13.19 -12.58
CA VAL C 174 -7.32 13.73 -12.93
C VAL C 174 -7.41 13.95 -14.43
N SER C 175 -6.34 14.46 -15.05
CA SER C 175 -6.33 14.66 -16.48
C SER C 175 -6.46 13.33 -17.23
N PHE C 176 -5.75 12.29 -16.75
CA PHE C 176 -5.84 10.99 -17.39
C PHE C 176 -7.24 10.41 -17.28
N PHE C 177 -7.86 10.53 -16.10
CA PHE C 177 -9.22 10.03 -15.93
C PHE C 177 -10.21 10.78 -16.82
N ALA C 178 -10.06 12.11 -16.91
CA ALA C 178 -10.95 12.88 -17.76
C ALA C 178 -10.75 12.53 -19.23
N GLY C 179 -9.50 12.31 -19.65
CA GLY C 179 -9.25 11.91 -21.02
C GLY C 179 -9.84 10.56 -21.34
N ILE C 180 -9.74 9.61 -20.40
CA ILE C 180 -10.39 8.32 -20.59
C ILE C 180 -11.90 8.50 -20.72
N LEU C 181 -12.49 9.33 -19.84
CA LEU C 181 -13.92 9.61 -19.95
C LEU C 181 -14.24 10.35 -21.24
N MET C 182 -13.40 11.30 -21.63
CA MET C 182 -13.61 12.01 -22.89
C MET C 182 -13.37 11.13 -24.10
N ALA C 183 -12.75 9.97 -23.92
CA ALA C 183 -12.54 9.01 -24.99
C ALA C 183 -13.59 7.90 -24.99
N MET C 184 -14.61 8.01 -24.15
CA MET C 184 -15.66 7.00 -24.12
C MET C 184 -16.39 6.86 -25.45
N PRO C 185 -16.84 7.95 -26.11
CA PRO C 185 -17.50 7.76 -27.41
C PRO C 185 -16.60 7.08 -28.44
N VAL C 186 -15.32 7.42 -28.47
CA VAL C 186 -14.44 6.80 -29.46
C VAL C 186 -13.99 5.41 -29.01
N ILE C 187 -13.92 5.15 -27.70
CA ILE C 187 -13.66 3.78 -27.27
C ILE C 187 -14.81 2.87 -27.67
N LEU C 188 -16.05 3.37 -27.60
CA LEU C 188 -17.18 2.60 -28.08
C LEU C 188 -17.18 2.50 -29.61
N TRP C 189 -16.74 3.56 -30.28
CA TRP C 189 -16.59 3.51 -31.74
C TRP C 189 -15.65 2.39 -32.16
N GLN C 190 -14.54 2.25 -31.43
CA GLN C 190 -13.59 1.19 -31.75
C GLN C 190 -14.13 -0.18 -31.35
N LEU C 191 -14.74 -0.29 -30.18
CA LEU C 191 -15.18 -1.60 -29.69
C LEU C 191 -16.34 -2.15 -30.51
N TRP C 192 -17.37 -1.32 -30.75
CA TRP C 192 -18.54 -1.80 -31.47
C TRP C 192 -18.21 -2.17 -32.91
N LEU C 193 -17.37 -1.36 -33.57
CA LEU C 193 -17.00 -1.67 -34.95
C LEU C 193 -16.17 -2.93 -35.04
N PHE C 194 -15.53 -3.36 -33.95
CA PHE C 194 -14.75 -4.59 -33.98
C PHE C 194 -15.64 -5.80 -34.22
N ILE C 195 -16.72 -5.93 -33.46
CA ILE C 195 -17.66 -7.05 -33.62
C ILE C 195 -18.71 -6.59 -34.62
N ALA C 196 -18.35 -6.65 -35.90
CA ALA C 196 -19.26 -6.29 -36.99
C ALA C 196 -20.19 -7.45 -37.36
N PRO C 197 -19.68 -8.67 -37.59
CA PRO C 197 -20.59 -9.75 -38.01
C PRO C 197 -21.26 -10.49 -36.85
N GLY C 198 -20.88 -10.22 -35.61
CA GLY C 198 -21.48 -10.93 -34.50
C GLY C 198 -22.96 -10.64 -34.36
N LEU C 199 -23.34 -9.37 -34.48
CA LEU C 199 -24.73 -8.95 -34.39
C LEU C 199 -25.26 -8.80 -35.82
N TYR C 200 -25.83 -9.89 -36.34
CA TYR C 200 -26.22 -9.94 -37.74
C TYR C 200 -27.31 -8.91 -38.09
N ASP C 201 -28.53 -9.11 -37.58
CA ASP C 201 -29.61 -8.19 -37.91
C ASP C 201 -30.48 -7.76 -36.74
N ASN C 202 -30.64 -8.57 -35.70
CA ASN C 202 -31.59 -8.28 -34.63
C ASN C 202 -30.91 -7.70 -33.40
N GLU C 203 -29.97 -8.46 -32.82
CA GLU C 203 -29.22 -7.94 -31.68
C GLU C 203 -28.42 -6.70 -32.06
N LYS C 204 -28.10 -6.53 -33.34
CA LYS C 204 -27.51 -5.28 -33.81
C LYS C 204 -28.45 -4.11 -33.52
N LYS C 205 -29.75 -4.31 -33.69
CA LYS C 205 -30.71 -3.27 -33.34
C LYS C 205 -30.93 -3.19 -31.83
N MET C 206 -30.87 -4.31 -31.13
CA MET C 206 -31.16 -4.30 -29.69
C MET C 206 -30.04 -3.68 -28.88
N VAL C 207 -28.79 -3.75 -29.35
CA VAL C 207 -27.67 -3.32 -28.54
C VAL C 207 -27.67 -1.80 -28.34
N LEU C 208 -28.00 -1.05 -29.41
CA LEU C 208 -27.88 0.41 -29.34
C LEU C 208 -28.71 1.05 -28.24
N PRO C 209 -30.01 0.76 -28.10
CA PRO C 209 -30.75 1.34 -26.97
C PRO C 209 -30.18 0.91 -25.63
N PHE C 210 -29.67 -0.32 -25.52
CA PHE C 210 -29.11 -0.78 -24.26
C PHE C 210 -27.89 0.03 -23.86
N VAL C 211 -26.95 0.22 -24.78
CA VAL C 211 -25.74 0.96 -24.45
C VAL C 211 -26.06 2.44 -24.23
N VAL C 212 -27.00 2.98 -25.00
CA VAL C 212 -27.40 4.38 -24.81
C VAL C 212 -27.99 4.56 -23.40
N GLY C 213 -28.88 3.67 -23.00
CA GLY C 213 -29.47 3.76 -21.68
C GLY C 213 -28.45 3.58 -20.58
N GLY C 214 -27.53 2.63 -20.75
CA GLY C 214 -26.49 2.43 -19.76
C GLY C 214 -25.61 3.66 -19.60
N SER C 215 -25.21 4.27 -20.71
CA SER C 215 -24.38 5.47 -20.64
C SER C 215 -25.13 6.63 -20.00
N VAL C 216 -26.39 6.85 -20.39
CA VAL C 216 -27.13 7.98 -19.82
C VAL C 216 -27.37 7.76 -18.34
N MET C 217 -27.61 6.51 -17.92
CA MET C 217 -27.83 6.26 -16.51
C MET C 217 -26.54 6.36 -15.70
N PHE C 218 -25.40 5.98 -16.29
CA PHE C 218 -24.13 6.21 -15.61
C PHE C 218 -23.88 7.70 -15.42
N LEU C 219 -24.15 8.49 -16.45
CA LEU C 219 -23.98 9.94 -16.32
C LEU C 219 -24.92 10.52 -15.26
N ILE C 220 -26.19 10.08 -15.26
CA ILE C 220 -27.12 10.59 -14.26
C ILE C 220 -26.73 10.14 -12.87
N GLY C 221 -26.15 8.95 -12.74
CA GLY C 221 -25.67 8.50 -11.44
C GLY C 221 -24.52 9.33 -10.93
N VAL C 222 -23.57 9.65 -11.81
CA VAL C 222 -22.45 10.50 -11.40
C VAL C 222 -22.95 11.89 -11.00
N LEU C 223 -23.90 12.44 -11.79
CA LEU C 223 -24.45 13.74 -11.46
C LEU C 223 -25.17 13.73 -10.12
N PHE C 224 -25.97 12.68 -9.88
CA PHE C 224 -26.67 12.56 -8.61
C PHE C 224 -25.70 12.40 -7.45
N ALA C 225 -24.63 11.65 -7.65
CA ALA C 225 -23.63 11.49 -6.60
C ALA C 225 -22.94 12.81 -6.27
N TYR C 226 -22.60 13.59 -7.30
CA TYR C 226 -21.90 14.84 -7.04
C TYR C 226 -22.81 15.89 -6.41
N TYR C 227 -24.03 16.04 -6.93
CA TYR C 227 -24.88 17.15 -6.51
C TYR C 227 -25.79 16.84 -5.33
N VAL C 228 -25.96 15.56 -4.98
CA VAL C 228 -26.90 15.22 -3.91
C VAL C 228 -26.21 14.44 -2.80
N VAL C 229 -25.64 13.29 -3.13
CA VAL C 229 -25.11 12.39 -2.11
C VAL C 229 -23.90 13.01 -1.42
N THR C 230 -22.94 13.51 -2.19
CA THR C 230 -21.70 14.01 -1.62
C THR C 230 -21.92 15.22 -0.69
N PRO C 231 -22.64 16.28 -1.09
CA PRO C 231 -22.76 17.43 -0.19
C PRO C 231 -23.38 17.11 1.16
N PHE C 232 -24.33 16.18 1.20
CA PHE C 232 -24.91 15.77 2.47
C PHE C 232 -24.17 14.62 3.12
N GLY C 233 -23.18 14.05 2.45
CA GLY C 233 -22.44 12.94 3.03
C GLY C 233 -21.08 13.37 3.55
N PHE C 234 -20.36 14.16 2.76
CA PHE C 234 -19.04 14.61 3.17
C PHE C 234 -19.10 15.37 4.49
N GLN C 235 -20.09 16.25 4.62
CA GLN C 235 -20.32 16.92 5.89
C GLN C 235 -20.45 15.91 7.03
N PHE C 236 -21.30 14.90 6.84
CA PHE C 236 -21.45 13.87 7.86
C PHE C 236 -20.14 13.14 8.10
N LEU C 237 -19.32 12.98 7.07
CA LEU C 237 -18.04 12.31 7.25
C LEU C 237 -17.06 13.20 8.01
N ILE C 238 -17.21 14.51 7.92
CA ILE C 238 -16.27 15.41 8.58
C ILE C 238 -16.77 15.83 9.96
N THR C 239 -18.09 15.99 10.12
CA THR C 239 -18.65 16.34 11.42
C THR C 239 -18.46 15.25 12.45
N PHE C 240 -18.22 14.01 12.01
CA PHE C 240 -18.01 12.91 12.96
C PHE C 240 -16.73 13.12 13.76
N GLY C 241 -15.63 13.39 13.07
CA GLY C 241 -14.36 13.65 13.71
C GLY C 241 -14.08 15.12 13.98
N SER C 242 -15.07 15.99 13.79
CA SER C 242 -14.85 17.42 14.00
C SER C 242 -14.66 17.77 15.46
N PHE C 243 -15.13 16.93 16.38
CA PHE C 243 -15.00 17.20 17.81
C PHE C 243 -13.89 16.40 18.46
N LEU C 244 -13.11 15.64 17.69
CA LEU C 244 -12.03 14.86 18.28
C LEU C 244 -10.72 15.09 17.56
N TYR C 245 -10.77 15.37 16.26
CA TYR C 245 -9.58 15.49 15.43
C TYR C 245 -9.67 16.75 14.59
N THR C 246 -8.64 16.98 13.77
CA THR C 246 -8.57 18.14 12.89
C THR C 246 -8.52 17.66 11.44
N PRO C 247 -9.43 18.09 10.59
CA PRO C 247 -9.50 17.53 9.23
C PRO C 247 -8.50 18.14 8.26
N LEU C 248 -7.28 17.60 8.24
CA LEU C 248 -6.27 18.00 7.24
C LEU C 248 -6.32 16.98 6.11
N ILE C 249 -7.19 17.23 5.15
CA ILE C 249 -7.46 16.28 4.08
C ILE C 249 -6.45 16.47 2.96
N ASN C 250 -5.74 15.40 2.60
CA ASN C 250 -4.78 15.47 1.52
C ASN C 250 -5.46 15.25 0.19
N ILE C 251 -5.00 15.98 -0.84
CA ILE C 251 -5.64 15.90 -2.14
C ILE C 251 -5.37 14.55 -2.79
N GLU C 252 -4.24 13.92 -2.49
CA GLU C 252 -3.86 12.67 -3.15
C GLU C 252 -4.85 11.56 -2.83
N ASP C 253 -5.20 11.40 -1.56
CA ASP C 253 -6.20 10.40 -1.19
C ASP C 253 -7.61 10.87 -1.51
N TYR C 254 -7.88 12.17 -1.40
CA TYR C 254 -9.22 12.67 -1.65
C TYR C 254 -9.64 12.46 -3.09
N VAL C 255 -8.72 12.65 -4.04
CA VAL C 255 -9.07 12.46 -5.45
C VAL C 255 -9.47 11.03 -5.70
N GLY C 256 -8.69 10.08 -5.20
CA GLY C 256 -9.04 8.67 -5.37
C GLY C 256 -10.36 8.33 -4.73
N PHE C 257 -10.60 8.83 -3.52
CA PHE C 257 -11.87 8.59 -2.84
C PHE C 257 -13.04 9.14 -3.65
N PHE C 258 -12.88 10.35 -4.19
CA PHE C 258 -13.96 11.00 -4.92
C PHE C 258 -14.28 10.27 -6.22
N THR C 259 -13.24 9.91 -6.99
CA THR C 259 -13.50 9.14 -8.21
C THR C 259 -14.09 7.78 -7.88
N LYS C 260 -13.67 7.15 -6.79
CA LYS C 260 -14.25 5.87 -6.41
C LYS C 260 -15.74 6.02 -6.13
N ILE C 261 -16.12 7.05 -5.36
CA ILE C 261 -17.54 7.26 -5.06
C ILE C 261 -18.32 7.54 -6.34
N LEU C 262 -17.79 8.41 -7.20
CA LEU C 262 -18.50 8.77 -8.42
C LEU C 262 -18.69 7.55 -9.32
N ILE C 263 -17.62 6.78 -9.53
CA ILE C 263 -17.68 5.62 -10.40
C ILE C 263 -18.64 4.58 -9.82
N GLY C 264 -18.56 4.33 -8.51
CA GLY C 264 -19.43 3.34 -7.90
C GLY C 264 -20.88 3.73 -7.97
N PHE C 265 -21.19 5.00 -7.69
CA PHE C 265 -22.58 5.44 -7.76
C PHE C 265 -23.08 5.45 -9.20
N GLY C 266 -22.20 5.67 -10.17
CA GLY C 266 -22.59 5.52 -11.56
C GLY C 266 -22.95 4.08 -11.88
N ILE C 267 -22.12 3.14 -11.44
CA ILE C 267 -22.43 1.72 -11.62
C ILE C 267 -23.65 1.33 -10.80
N ALA C 268 -23.78 1.92 -9.60
CA ALA C 268 -24.93 1.62 -8.76
C ALA C 268 -26.25 2.02 -9.41
N PHE C 269 -26.22 2.95 -10.35
CA PHE C 269 -27.41 3.32 -11.13
C PHE C 269 -27.44 2.65 -12.49
N GLU C 270 -26.46 1.82 -12.81
CA GLU C 270 -26.45 1.06 -14.05
C GLU C 270 -26.92 -0.38 -13.86
N LEU C 271 -26.58 -1.01 -12.75
CA LEU C 271 -27.01 -2.39 -12.51
C LEU C 271 -28.53 -2.52 -12.47
N PRO C 272 -29.28 -1.67 -11.75
CA PRO C 272 -30.74 -1.75 -11.88
C PRO C 272 -31.24 -0.96 -13.08
N VAL C 273 -30.51 -1.02 -14.19
CA VAL C 273 -31.03 -0.65 -15.49
C VAL C 273 -30.71 -1.78 -16.47
N VAL C 274 -29.58 -2.46 -16.23
CA VAL C 274 -29.32 -3.67 -16.99
C VAL C 274 -30.25 -4.78 -16.52
N ALA C 275 -30.60 -4.78 -15.23
CA ALA C 275 -31.64 -5.68 -14.77
C ALA C 275 -32.97 -5.41 -15.47
N TYR C 276 -33.33 -4.13 -15.62
CA TYR C 276 -34.56 -3.78 -16.32
C TYR C 276 -34.51 -4.22 -17.77
N PHE C 277 -33.39 -3.96 -18.46
CA PHE C 277 -33.28 -4.34 -19.85
C PHE C 277 -33.39 -5.85 -20.03
N LEU C 278 -32.67 -6.61 -19.19
CA LEU C 278 -32.70 -8.06 -19.30
C LEU C 278 -34.08 -8.62 -18.94
N ALA C 279 -34.74 -8.02 -17.94
CA ALA C 279 -36.04 -8.54 -17.52
C ALA C 279 -37.11 -8.27 -18.57
N LEU C 280 -37.18 -7.03 -19.08
CA LEU C 280 -38.16 -6.73 -20.10
C LEU C 280 -37.82 -7.39 -21.44
N LEU C 281 -36.56 -7.77 -21.64
CA LEU C 281 -36.22 -8.54 -22.83
C LEU C 281 -36.83 -9.94 -22.78
N GLY C 282 -37.15 -10.43 -21.59
CA GLY C 282 -37.74 -11.74 -21.43
C GLY C 282 -36.75 -12.87 -21.26
N LEU C 283 -35.45 -12.61 -21.40
CA LEU C 283 -34.45 -13.66 -21.25
C LEU C 283 -34.42 -14.20 -19.83
N ILE C 284 -34.57 -13.32 -18.84
CA ILE C 284 -34.48 -13.68 -17.44
C ILE C 284 -35.79 -13.30 -16.76
N THR C 285 -36.30 -14.21 -15.94
CA THR C 285 -37.52 -14.00 -15.16
C THR C 285 -37.17 -13.82 -13.69
N ASP C 286 -38.20 -13.60 -12.88
CA ASP C 286 -38.00 -13.47 -11.44
C ASP C 286 -37.54 -14.78 -10.82
N LYS C 287 -38.00 -15.91 -11.36
CA LYS C 287 -37.64 -17.21 -10.80
C LYS C 287 -36.14 -17.45 -10.90
N THR C 288 -35.53 -17.05 -12.01
CA THR C 288 -34.10 -17.29 -12.21
C THR C 288 -33.27 -16.57 -11.16
N LEU C 289 -33.60 -15.30 -10.88
CA LEU C 289 -32.83 -14.55 -9.90
C LEU C 289 -33.19 -14.96 -8.47
N LYS C 290 -34.44 -15.33 -8.23
CA LYS C 290 -34.81 -15.78 -6.89
C LYS C 290 -34.13 -17.09 -6.54
N ASP C 291 -34.04 -18.01 -7.50
CA ASP C 291 -33.40 -19.29 -7.24
C ASP C 291 -31.89 -19.13 -7.02
N TYR C 292 -31.23 -18.39 -7.91
CA TYR C 292 -29.79 -18.18 -7.79
C TYR C 292 -29.49 -17.05 -6.82
N PHE C 293 -30.02 -17.14 -5.61
CA PHE C 293 -29.78 -16.13 -4.58
C PHE C 293 -28.55 -16.47 -3.75
N LYS C 294 -28.43 -17.72 -3.32
CA LYS C 294 -27.28 -18.11 -2.51
C LYS C 294 -25.99 -17.95 -3.28
N TYR C 295 -25.98 -18.33 -4.57
CA TYR C 295 -24.78 -18.21 -5.37
C TYR C 295 -24.32 -16.77 -5.44
N ALA C 296 -25.24 -15.83 -5.69
CA ALA C 296 -24.90 -14.42 -5.67
C ALA C 296 -24.18 -14.06 -4.37
N ILE C 297 -24.66 -14.62 -3.26
CA ILE C 297 -24.10 -14.35 -1.94
C ILE C 297 -22.57 -14.43 -1.97
N VAL C 298 -22.03 -15.40 -2.71
CA VAL C 298 -20.58 -15.53 -2.70
C VAL C 298 -19.93 -14.59 -3.69
N ILE C 299 -20.46 -14.48 -4.90
CA ILE C 299 -19.73 -13.76 -5.95
C ILE C 299 -19.66 -12.28 -5.61
N ILE C 300 -20.76 -11.72 -5.10
CA ILE C 300 -20.73 -10.34 -4.61
C ILE C 300 -19.64 -10.20 -3.56
N PHE C 301 -19.61 -11.13 -2.59
CA PHE C 301 -18.57 -11.07 -1.57
C PHE C 301 -17.19 -11.24 -2.16
N LEU C 302 -17.10 -11.92 -3.31
CA LEU C 302 -15.81 -11.98 -4.00
C LEU C 302 -15.50 -10.66 -4.69
N LEU C 303 -16.52 -10.04 -5.31
CA LEU C 303 -16.29 -8.77 -6.00
C LEU C 303 -15.84 -7.70 -5.02
N ALA C 304 -16.48 -7.64 -3.85
CA ALA C 304 -16.04 -6.72 -2.82
C ALA C 304 -14.62 -7.01 -2.37
N ALA C 305 -14.20 -8.27 -2.46
CA ALA C 305 -12.83 -8.62 -2.12
C ALA C 305 -11.83 -8.05 -3.13
N PHE C 306 -12.28 -7.73 -4.34
CA PHE C 306 -11.38 -7.21 -5.37
C PHE C 306 -11.51 -5.72 -5.56
N LEU C 307 -12.59 -5.10 -5.10
CA LEU C 307 -12.83 -3.67 -5.28
C LEU C 307 -12.52 -2.85 -4.04
N THR C 308 -11.89 -3.45 -3.03
CA THR C 308 -11.63 -2.78 -1.77
C THR C 308 -10.21 -3.07 -1.32
N PRO C 309 -9.66 -2.24 -0.45
CA PRO C 309 -8.37 -2.56 0.18
C PRO C 309 -8.42 -3.88 0.93
N PRO C 310 -7.27 -4.43 1.32
CA PRO C 310 -7.26 -5.79 1.90
C PRO C 310 -8.03 -5.92 3.20
N ASP C 311 -8.50 -4.83 3.81
CA ASP C 311 -9.20 -4.93 5.07
C ASP C 311 -10.53 -5.66 4.90
N VAL C 312 -10.85 -6.52 5.87
CA VAL C 312 -12.11 -7.27 5.82
C VAL C 312 -13.29 -6.33 6.01
N LEU C 313 -13.11 -5.31 6.86
CA LEU C 313 -14.19 -4.34 7.09
C LEU C 313 -14.60 -3.65 5.80
N THR C 314 -13.62 -3.30 4.96
CA THR C 314 -13.94 -2.71 3.67
C THR C 314 -14.70 -3.68 2.79
N GLN C 315 -14.32 -4.97 2.83
CA GLN C 315 -15.04 -5.96 2.04
C GLN C 315 -16.50 -6.06 2.46
N LEU C 316 -16.75 -6.07 3.77
CA LEU C 316 -18.13 -6.10 4.25
C LEU C 316 -18.88 -4.82 3.87
N LEU C 317 -18.22 -3.67 4.02
CA LEU C 317 -18.86 -2.39 3.73
C LEU C 317 -19.11 -2.19 2.24
N MET C 318 -18.45 -2.97 1.38
CA MET C 318 -18.77 -2.96 -0.04
C MET C 318 -19.78 -4.02 -0.41
N ALA C 319 -19.75 -5.17 0.25
CA ALA C 319 -20.71 -6.23 -0.05
C ALA C 319 -22.11 -5.86 0.39
N ALA C 320 -22.26 -5.11 1.48
CA ALA C 320 -23.60 -4.74 1.93
C ALA C 320 -24.36 -3.92 0.91
N PRO C 321 -23.82 -2.82 0.34
CA PRO C 321 -24.55 -2.12 -0.72
C PRO C 321 -24.79 -2.97 -1.94
N LEU C 322 -23.86 -3.85 -2.29
CA LEU C 322 -24.05 -4.72 -3.44
C LEU C 322 -25.21 -5.69 -3.20
N ILE C 323 -25.32 -6.22 -1.97
CA ILE C 323 -26.43 -7.10 -1.65
C ILE C 323 -27.74 -6.32 -1.66
N LEU C 324 -27.72 -5.07 -1.19
CA LEU C 324 -28.91 -4.24 -1.27
C LEU C 324 -29.31 -4.01 -2.72
N LEU C 325 -28.35 -3.79 -3.61
CA LEU C 325 -28.66 -3.61 -5.02
C LEU C 325 -29.19 -4.90 -5.65
N TYR C 326 -28.67 -6.05 -5.22
CA TYR C 326 -29.20 -7.31 -5.70
C TYR C 326 -30.66 -7.49 -5.28
N GLY C 327 -30.98 -7.14 -4.04
CA GLY C 327 -32.38 -7.17 -3.62
C GLY C 327 -33.22 -6.18 -4.39
N LEU C 328 -32.67 -5.01 -4.69
CA LEU C 328 -33.39 -4.04 -5.50
C LEU C 328 -33.70 -4.59 -6.88
N SER C 329 -32.74 -5.26 -7.50
CA SER C 329 -33.00 -5.88 -8.80
C SER C 329 -34.04 -6.98 -8.67
N ILE C 330 -33.98 -7.75 -7.58
CA ILE C 330 -34.98 -8.78 -7.32
C ILE C 330 -36.37 -8.16 -7.34
N LEU C 331 -36.52 -7.03 -6.67
CA LEU C 331 -37.81 -6.34 -6.67
C LEU C 331 -38.16 -5.79 -8.05
N ILE C 332 -37.15 -5.30 -8.79
CA ILE C 332 -37.43 -4.62 -10.05
C ILE C 332 -37.92 -5.59 -11.11
N VAL C 333 -37.33 -6.78 -11.19
CA VAL C 333 -37.72 -7.71 -12.25
C VAL C 333 -39.21 -8.04 -12.13
N HIS C 334 -39.94 -7.81 -13.22
CA HIS C 334 -41.35 -8.14 -13.35
C HIS C 334 -41.68 -8.57 -14.77
N SER D 4 24.73 -31.26 -5.59
CA SER D 4 24.79 -30.31 -6.69
C SER D 4 25.99 -29.38 -6.56
N MET D 5 25.72 -28.08 -6.40
CA MET D 5 26.77 -27.09 -6.26
C MET D 5 27.18 -26.93 -4.79
N LYS D 6 27.56 -28.07 -4.21
CA LYS D 6 27.96 -28.12 -2.80
C LYS D 6 29.37 -27.57 -2.59
N PRO D 7 30.38 -27.95 -3.38
CA PRO D 7 31.72 -27.37 -3.17
C PRO D 7 31.75 -25.86 -3.30
N HIS D 8 30.96 -25.29 -4.19
CA HIS D 8 30.94 -23.83 -4.37
C HIS D 8 29.87 -23.18 -3.49
N LEU D 9 29.91 -23.49 -2.20
CA LEU D 9 28.98 -22.91 -1.24
C LEU D 9 29.73 -22.39 -0.03
N ALA D 10 30.86 -23.04 0.30
CA ALA D 10 31.64 -22.62 1.45
C ALA D 10 32.17 -21.21 1.27
N GLU D 11 32.67 -20.90 0.07
CA GLU D 11 33.06 -19.52 -0.22
C GLU D 11 31.84 -18.61 -0.21
N LEU D 12 30.72 -19.08 -0.73
CA LEU D 12 29.51 -18.24 -0.79
C LEU D 12 29.07 -17.86 0.61
N ARG D 13 29.12 -18.80 1.56
CA ARG D 13 28.78 -18.48 2.94
C ARG D 13 29.71 -17.42 3.50
N GLN D 14 31.00 -17.54 3.23
CA GLN D 14 31.96 -16.56 3.74
C GLN D 14 31.85 -15.24 3.01
N ARG D 15 31.50 -15.28 1.72
CA ARG D 15 31.34 -14.03 0.96
C ARG D 15 30.19 -13.19 1.51
N LEU D 16 29.08 -13.83 1.85
CA LEU D 16 27.96 -13.12 2.46
C LEU D 16 28.26 -12.70 3.89
N ALA D 17 29.19 -13.38 4.56
CA ALA D 17 29.50 -13.04 5.94
C ALA D 17 30.13 -11.66 6.05
N ILE D 18 31.15 -11.39 5.24
CA ILE D 18 31.75 -10.06 5.24
C ILE D 18 30.78 -9.04 4.65
N SER D 19 29.93 -9.46 3.72
CA SER D 19 28.94 -8.56 3.15
C SER D 19 27.94 -8.11 4.20
N VAL D 20 27.42 -9.06 4.99
CA VAL D 20 26.44 -8.70 6.02
C VAL D 20 27.08 -7.82 7.08
N LEU D 21 28.28 -8.17 7.54
CA LEU D 21 28.97 -7.36 8.53
C LEU D 21 29.30 -5.98 7.97
N ALA D 22 29.50 -5.88 6.66
CA ALA D 22 29.75 -4.58 6.05
C ALA D 22 28.56 -3.65 6.20
N VAL D 23 27.35 -4.19 6.02
CA VAL D 23 26.15 -3.37 6.20
C VAL D 23 25.98 -2.99 7.66
N PHE D 24 26.32 -3.90 8.57
CA PHE D 24 26.13 -3.64 10.00
C PHE D 24 27.02 -2.49 10.47
N VAL D 25 28.30 -2.51 10.09
CA VAL D 25 29.20 -1.42 10.49
C VAL D 25 28.78 -0.12 9.83
N GLY D 26 28.28 -0.17 8.61
CA GLY D 26 27.78 1.03 7.97
C GLY D 26 26.54 1.58 8.66
N PHE D 27 25.69 0.70 9.16
CA PHE D 27 24.49 1.14 9.88
C PHE D 27 24.87 1.90 11.14
N ILE D 28 25.85 1.39 11.90
CA ILE D 28 26.25 2.05 13.14
C ILE D 28 26.83 3.42 12.85
N ILE D 29 27.67 3.51 11.82
CA ILE D 29 28.25 4.80 11.44
C ILE D 29 27.16 5.76 10.97
N ALA D 30 26.22 5.26 10.16
CA ALA D 30 25.17 6.12 9.62
C ALA D 30 24.22 6.60 10.71
N PHE D 31 23.85 5.72 11.64
CA PHE D 31 22.92 6.11 12.69
C PHE D 31 23.54 7.09 13.66
N THR D 32 24.85 6.96 13.92
CA THR D 32 25.51 7.92 14.78
C THR D 32 25.44 9.33 14.21
N PHE D 33 25.61 9.46 12.90
CA PHE D 33 25.51 10.73 12.20
C PHE D 33 24.16 10.90 11.49
N HIS D 34 23.09 10.35 12.06
CA HIS D 34 21.79 10.43 11.40
C HIS D 34 21.30 11.86 11.28
N ASN D 35 21.69 12.73 12.22
CA ASN D 35 21.31 14.14 12.11
C ASN D 35 21.98 14.80 10.91
N ALA D 36 23.24 14.48 10.66
CA ALA D 36 23.94 15.06 9.52
C ALA D 36 23.34 14.59 8.20
N ILE D 37 23.03 13.29 8.10
CA ILE D 37 22.47 12.76 6.86
C ILE D 37 21.06 13.27 6.64
N LEU D 38 20.24 13.28 7.70
CA LEU D 38 18.86 13.73 7.55
C LEU D 38 18.79 15.19 7.15
N GLY D 39 19.64 16.03 7.73
CA GLY D 39 19.68 17.43 7.33
C GLY D 39 20.06 17.60 5.88
N TRP D 40 21.01 16.79 5.40
CA TRP D 40 21.41 16.85 4.00
C TRP D 40 20.27 16.42 3.09
N ILE D 41 19.51 15.40 3.49
CA ILE D 41 18.42 14.90 2.66
C ILE D 41 17.30 15.94 2.60
N THR D 42 16.96 16.55 3.73
CA THR D 42 15.84 17.47 3.80
C THR D 42 16.21 18.91 3.46
N LYS D 43 17.49 19.18 3.15
CA LYS D 43 17.89 20.54 2.83
C LYS D 43 17.18 21.09 1.59
N PRO D 44 17.11 20.38 0.46
CA PRO D 44 16.37 20.94 -0.69
C PRO D 44 14.90 21.19 -0.40
N LEU D 45 14.26 20.33 0.39
CA LEU D 45 12.86 20.55 0.73
C LEU D 45 12.67 21.81 1.56
N ASN D 46 13.57 22.04 2.53
CA ASN D 46 13.47 23.25 3.34
C ASN D 46 13.68 24.50 2.50
N ASN D 47 14.67 24.47 1.60
CA ASN D 47 14.91 25.62 0.74
C ASN D 47 13.74 25.85 -0.21
N ALA D 48 13.17 24.77 -0.76
CA ALA D 48 12.03 24.92 -1.65
C ALA D 48 10.84 25.52 -0.93
N LEU D 49 10.57 25.07 0.29
CA LEU D 49 9.43 25.59 1.04
C LEU D 49 9.61 27.07 1.37
N ILE D 50 10.82 27.47 1.77
CA ILE D 50 11.05 28.87 2.10
C ILE D 50 10.93 29.74 0.86
N GLN D 51 11.51 29.30 -0.26
CA GLN D 51 11.43 30.08 -1.49
C GLN D 51 9.99 30.21 -1.97
N VAL D 52 9.21 29.12 -1.88
CA VAL D 52 7.81 29.17 -2.26
C VAL D 52 7.05 30.11 -1.34
N GLY D 53 7.36 30.07 -0.04
CA GLY D 53 6.67 30.92 0.91
C GLY D 53 6.84 32.40 0.61
N LYS D 54 8.03 32.79 0.12
CA LYS D 54 8.25 34.16 -0.29
C LYS D 54 7.37 34.53 -1.47
N ILE D 55 7.20 33.59 -2.41
CA ILE D 55 6.37 33.86 -3.59
C ILE D 55 4.92 34.08 -3.19
N VAL D 56 4.39 33.23 -2.30
CA VAL D 56 3.00 33.37 -1.88
C VAL D 56 2.80 34.66 -1.09
N GLU D 57 3.74 34.97 -0.19
CA GLU D 57 3.64 36.19 0.59
C GLU D 57 3.72 37.43 -0.32
N LYS D 58 4.60 37.40 -1.31
CA LYS D 58 4.70 38.52 -2.24
C LYS D 58 3.41 38.71 -3.03
N ARG D 59 2.70 37.62 -3.34
CA ARG D 59 1.45 37.73 -4.05
C ARG D 59 0.36 38.41 -3.23
N GLU D 60 0.50 38.44 -1.91
CA GLU D 60 -0.46 39.10 -1.05
C GLU D 60 -0.14 40.59 -0.90
N ASN D 156 0.61 27.63 6.94
CA ASN D 156 1.88 27.77 6.25
C ASN D 156 2.46 26.40 5.89
N GLY D 157 3.75 26.38 5.55
CA GLY D 157 4.42 25.17 5.13
C GLY D 157 5.50 24.76 6.12
N MET D 158 5.72 23.45 6.22
CA MET D 158 6.72 22.89 7.11
C MET D 158 6.92 21.43 6.74
N ILE D 159 7.87 20.78 7.41
CA ILE D 159 8.11 19.35 7.25
C ILE D 159 7.53 18.65 8.47
N THR D 160 6.63 17.70 8.22
CA THR D 160 5.86 17.06 9.28
C THR D 160 6.15 15.57 9.33
N THR D 161 5.64 14.93 10.38
CA THR D 161 5.69 13.49 10.54
C THR D 161 4.28 13.01 10.87
N HIS D 162 3.70 12.21 9.98
CA HIS D 162 2.33 11.74 10.16
C HIS D 162 2.24 10.40 10.87
N GLN D 163 3.36 9.81 11.25
CA GLN D 163 3.38 8.56 12.00
C GLN D 163 4.11 8.79 13.32
N VAL D 164 3.66 8.10 14.37
CA VAL D 164 4.27 8.26 15.68
C VAL D 164 5.73 7.80 15.64
N GLY D 165 5.98 6.66 15.01
CA GLY D 165 7.32 6.15 14.82
C GLY D 165 7.97 6.54 13.52
N GLY D 166 7.39 7.48 12.79
CA GLY D 166 7.96 7.86 11.50
C GLY D 166 9.31 8.53 11.63
N ALA D 167 9.49 9.33 12.68
CA ALA D 167 10.79 9.98 12.90
C ALA D 167 11.88 8.94 13.14
N PHE D 168 11.58 7.92 13.93
CA PHE D 168 12.55 6.85 14.16
C PHE D 168 12.71 5.98 12.91
N PHE D 169 11.61 5.68 12.23
CA PHE D 169 11.69 4.83 11.06
C PHE D 169 12.47 5.49 9.94
N VAL D 170 12.25 6.79 9.73
CA VAL D 170 12.99 7.50 8.69
C VAL D 170 14.47 7.56 9.04
N ALA D 171 14.78 7.81 10.31
CA ALA D 171 16.18 7.84 10.74
C ALA D 171 16.84 6.48 10.53
N LEU D 172 16.12 5.40 10.83
CA LEU D 172 16.66 4.07 10.63
C LEU D 172 16.77 3.73 9.14
N LYS D 173 15.74 4.07 8.37
CA LYS D 173 15.77 3.78 6.93
C LYS D 173 16.88 4.54 6.24
N VAL D 174 17.06 5.82 6.57
CA VAL D 174 18.13 6.61 6.00
C VAL D 174 19.49 6.02 6.39
N SER D 175 19.62 5.63 7.66
CA SER D 175 20.87 5.01 8.10
C SER D 175 21.10 3.68 7.40
N PHE D 176 20.05 2.89 7.24
CA PHE D 176 20.20 1.59 6.57
C PHE D 176 20.63 1.76 5.12
N PHE D 177 20.03 2.74 4.42
CA PHE D 177 20.44 3.01 3.04
C PHE D 177 21.87 3.51 2.97
N ALA D 178 22.25 4.38 3.92
CA ALA D 178 23.62 4.88 3.95
C ALA D 178 24.60 3.76 4.25
N GLY D 179 24.22 2.83 5.12
CA GLY D 179 25.11 1.72 5.42
C GLY D 179 25.40 0.85 4.21
N ILE D 180 24.38 0.59 3.39
CA ILE D 180 24.59 -0.19 2.18
C ILE D 180 25.52 0.56 1.22
N LEU D 181 25.29 1.86 1.07
CA LEU D 181 26.16 2.65 0.20
C LEU D 181 27.57 2.71 0.74
N MET D 182 27.71 2.83 2.06
CA MET D 182 29.04 2.78 2.67
C MET D 182 29.66 1.40 2.56
N ALA D 183 28.85 0.37 2.32
CA ALA D 183 29.35 -0.98 2.08
C ALA D 183 29.54 -1.29 0.61
N MET D 184 29.29 -0.32 -0.27
CA MET D 184 29.51 -0.53 -1.70
C MET D 184 30.95 -0.92 -2.02
N PRO D 185 31.98 -0.27 -1.48
CA PRO D 185 33.35 -0.70 -1.81
C PRO D 185 33.65 -2.14 -1.40
N VAL D 186 33.02 -2.63 -0.34
CA VAL D 186 33.31 -3.98 0.16
C VAL D 186 32.26 -5.00 -0.27
N ILE D 187 31.10 -4.57 -0.74
CA ILE D 187 30.17 -5.54 -1.35
C ILE D 187 30.74 -6.06 -2.66
N LEU D 188 31.46 -5.22 -3.41
CA LEU D 188 32.13 -5.67 -4.62
C LEU D 188 33.40 -6.45 -4.30
N TRP D 189 33.99 -6.19 -3.13
CA TRP D 189 35.15 -6.96 -2.69
C TRP D 189 34.81 -8.44 -2.61
N GLN D 190 33.66 -8.77 -2.03
CA GLN D 190 33.21 -10.15 -2.01
C GLN D 190 32.69 -10.59 -3.37
N LEU D 191 31.99 -9.70 -4.07
CA LEU D 191 31.40 -10.07 -5.35
C LEU D 191 32.47 -10.36 -6.40
N TRP D 192 33.42 -9.44 -6.56
CA TRP D 192 34.44 -9.63 -7.58
C TRP D 192 35.35 -10.80 -7.27
N LEU D 193 35.72 -10.97 -5.99
CA LEU D 193 36.59 -12.08 -5.63
C LEU D 193 35.89 -13.42 -5.72
N PHE D 194 34.56 -13.43 -5.71
CA PHE D 194 33.82 -14.68 -5.84
C PHE D 194 34.08 -15.33 -7.20
N ILE D 195 34.00 -14.56 -8.27
CA ILE D 195 34.27 -15.08 -9.61
C ILE D 195 35.76 -14.87 -9.86
N ALA D 196 36.57 -15.77 -9.32
CA ALA D 196 38.01 -15.74 -9.52
C ALA D 196 38.42 -16.41 -10.84
N PRO D 197 37.95 -17.63 -11.15
CA PRO D 197 38.38 -18.28 -12.39
C PRO D 197 37.56 -17.94 -13.62
N GLY D 198 36.44 -17.22 -13.47
CA GLY D 198 35.62 -16.90 -14.63
C GLY D 198 36.37 -16.02 -15.62
N LEU D 199 37.03 -14.98 -15.12
CA LEU D 199 37.83 -14.09 -15.95
C LEU D 199 39.28 -14.54 -15.85
N TYR D 200 39.69 -15.42 -16.77
CA TYR D 200 40.99 -16.05 -16.69
C TYR D 200 42.12 -15.03 -16.83
N ASP D 201 42.27 -14.42 -18.01
CA ASP D 201 43.34 -13.45 -18.22
C ASP D 201 42.91 -12.19 -18.96
N ASN D 202 41.90 -12.23 -19.82
CA ASN D 202 41.59 -11.10 -20.70
C ASN D 202 40.42 -10.27 -20.19
N GLU D 203 39.26 -10.89 -19.99
CA GLU D 203 38.11 -10.15 -19.48
C GLU D 203 38.32 -9.69 -18.05
N LYS D 204 39.30 -10.24 -17.34
CA LYS D 204 39.66 -9.70 -16.04
C LYS D 204 40.22 -8.28 -16.17
N LYS D 205 40.96 -8.02 -17.24
CA LYS D 205 41.53 -6.69 -17.42
C LYS D 205 40.49 -5.67 -17.85
N MET D 206 39.51 -6.07 -18.66
CA MET D 206 38.53 -5.13 -19.18
C MET D 206 37.29 -5.00 -18.31
N VAL D 207 37.24 -5.69 -17.17
CA VAL D 207 36.11 -5.52 -16.27
C VAL D 207 36.38 -4.45 -15.23
N LEU D 208 37.65 -4.24 -14.86
CA LEU D 208 37.97 -3.18 -13.90
C LEU D 208 37.63 -1.79 -14.40
N PRO D 209 38.03 -1.36 -15.60
CA PRO D 209 37.65 0.00 -16.04
C PRO D 209 36.15 0.19 -16.14
N PHE D 210 35.42 -0.85 -16.54
CA PHE D 210 33.96 -0.76 -16.58
C PHE D 210 33.38 -0.61 -15.18
N VAL D 211 33.92 -1.36 -14.21
CA VAL D 211 33.35 -1.34 -12.86
C VAL D 211 33.62 -0.01 -12.18
N VAL D 212 34.69 0.68 -12.55
CA VAL D 212 34.95 1.97 -11.92
C VAL D 212 34.34 3.10 -12.73
N GLY D 213 34.33 2.99 -14.06
CA GLY D 213 33.70 4.01 -14.88
C GLY D 213 32.21 4.11 -14.63
N GLY D 214 31.54 2.97 -14.53
CA GLY D 214 30.12 2.98 -14.19
C GLY D 214 29.87 3.49 -12.78
N SER D 215 30.69 3.04 -11.82
CA SER D 215 30.51 3.49 -10.44
C SER D 215 30.78 4.98 -10.30
N VAL D 216 31.82 5.48 -10.97
CA VAL D 216 32.14 6.90 -10.88
C VAL D 216 31.12 7.76 -11.60
N MET D 217 30.33 7.17 -12.51
CA MET D 217 29.24 7.89 -13.13
C MET D 217 27.95 7.83 -12.33
N PHE D 218 27.82 6.86 -11.42
CA PHE D 218 26.64 6.81 -10.57
C PHE D 218 26.69 7.90 -9.50
N LEU D 219 27.86 8.10 -8.88
CA LEU D 219 27.98 9.17 -7.91
C LEU D 219 27.87 10.54 -8.57
N ILE D 220 28.39 10.68 -9.78
CA ILE D 220 28.20 11.93 -10.51
C ILE D 220 26.75 12.11 -10.91
N GLY D 221 25.99 11.02 -11.03
CA GLY D 221 24.55 11.15 -11.27
C GLY D 221 23.82 11.66 -10.05
N VAL D 222 24.14 11.11 -8.88
CA VAL D 222 23.49 11.56 -7.65
C VAL D 222 23.87 13.00 -7.35
N LEU D 223 25.15 13.34 -7.53
CA LEU D 223 25.59 14.72 -7.30
C LEU D 223 24.92 15.68 -8.26
N PHE D 224 24.65 15.23 -9.49
CA PHE D 224 23.91 16.08 -10.44
C PHE D 224 22.45 16.20 -10.03
N ALA D 225 21.84 15.11 -9.58
CA ALA D 225 20.42 15.15 -9.21
C ALA D 225 20.19 16.02 -7.99
N TYR D 226 21.07 15.93 -6.99
CA TYR D 226 20.86 16.65 -5.74
C TYR D 226 21.12 18.14 -5.90
N TYR D 227 22.14 18.51 -6.67
CA TYR D 227 22.61 19.88 -6.73
C TYR D 227 22.10 20.66 -7.93
N VAL D 228 21.49 19.99 -8.92
CA VAL D 228 21.02 20.70 -10.11
C VAL D 228 19.53 20.45 -10.31
N VAL D 229 19.15 19.19 -10.50
CA VAL D 229 17.78 18.87 -10.86
C VAL D 229 16.83 19.15 -9.71
N THR D 230 17.16 18.68 -8.52
CA THR D 230 16.25 18.79 -7.39
C THR D 230 15.96 20.23 -6.98
N PRO D 231 16.96 21.12 -6.83
CA PRO D 231 16.62 22.50 -6.45
C PRO D 231 15.70 23.21 -7.43
N PHE D 232 15.83 22.94 -8.73
CA PHE D 232 14.98 23.57 -9.72
C PHE D 232 13.73 22.75 -10.04
N GLY D 233 13.58 21.57 -9.45
CA GLY D 233 12.41 20.75 -9.68
C GLY D 233 11.50 20.69 -8.47
N PHE D 234 12.09 20.65 -7.28
CA PHE D 234 11.29 20.65 -6.07
C PHE D 234 10.52 21.95 -5.93
N GLN D 235 11.16 23.08 -6.28
CA GLN D 235 10.46 24.35 -6.27
C GLN D 235 9.30 24.35 -7.25
N PHE D 236 9.50 23.76 -8.43
CA PHE D 236 8.42 23.70 -9.42
C PHE D 236 7.26 22.85 -8.93
N LEU D 237 7.54 21.71 -8.31
CA LEU D 237 6.47 20.82 -7.87
C LEU D 237 5.62 21.47 -6.79
N ILE D 238 6.26 22.14 -5.82
CA ILE D 238 5.52 22.78 -4.75
C ILE D 238 4.77 24.00 -5.28
N THR D 239 5.39 24.74 -6.20
CA THR D 239 4.75 25.95 -6.74
C THR D 239 3.48 25.61 -7.51
N PHE D 240 3.41 24.42 -8.11
CA PHE D 240 2.21 24.03 -8.86
C PHE D 240 0.99 24.01 -7.96
N GLY D 241 1.12 23.44 -6.76
CA GLY D 241 0.04 23.40 -5.79
C GLY D 241 0.11 24.48 -4.73
N SER D 242 0.95 25.50 -4.91
CA SER D 242 1.09 26.54 -3.90
C SER D 242 -0.11 27.47 -3.87
N PHE D 243 -0.94 27.48 -4.92
CA PHE D 243 -2.10 28.36 -4.99
C PHE D 243 -3.42 27.63 -4.78
N LEU D 244 -3.38 26.33 -4.47
CA LEU D 244 -4.61 25.59 -4.25
C LEU D 244 -4.56 24.82 -2.93
N TYR D 245 -3.36 24.40 -2.52
CA TYR D 245 -3.20 23.53 -1.37
C TYR D 245 -2.09 24.06 -0.47
N THR D 246 -1.93 23.40 0.68
CA THR D 246 -0.89 23.75 1.64
C THR D 246 0.14 22.63 1.70
N PRO D 247 1.41 22.91 1.46
CA PRO D 247 2.40 21.83 1.38
C PRO D 247 2.85 21.33 2.74
N LEU D 248 2.11 20.39 3.33
CA LEU D 248 2.52 19.72 4.55
C LEU D 248 3.12 18.38 4.16
N ILE D 249 4.43 18.37 3.93
CA ILE D 249 5.12 17.21 3.40
C ILE D 249 5.62 16.34 4.56
N ASN D 250 5.19 15.08 4.57
CA ASN D 250 5.63 14.15 5.60
C ASN D 250 7.01 13.59 5.27
N ILE D 251 7.86 13.48 6.29
CA ILE D 251 9.20 12.97 6.06
C ILE D 251 9.20 11.48 5.76
N GLU D 252 8.11 10.77 6.09
CA GLU D 252 8.06 9.34 5.82
C GLU D 252 7.94 9.06 4.33
N ASP D 253 7.09 9.81 3.63
CA ASP D 253 6.92 9.64 2.21
C ASP D 253 7.92 10.45 1.39
N TYR D 254 8.57 11.45 2.00
CA TYR D 254 9.53 12.25 1.27
C TYR D 254 10.85 11.53 1.06
N VAL D 255 11.29 10.75 2.05
CA VAL D 255 12.57 10.06 1.95
C VAL D 255 12.56 9.07 0.79
N GLY D 256 11.49 8.30 0.66
CA GLY D 256 11.39 7.37 -0.44
C GLY D 256 11.37 8.07 -1.80
N PHE D 257 10.66 9.19 -1.88
CA PHE D 257 10.65 9.96 -3.12
C PHE D 257 12.03 10.52 -3.44
N PHE D 258 12.74 11.02 -2.43
CA PHE D 258 14.06 11.58 -2.67
C PHE D 258 15.06 10.50 -3.08
N THR D 259 15.01 9.34 -2.43
CA THR D 259 15.93 8.26 -2.77
C THR D 259 15.71 7.78 -4.20
N LYS D 260 14.45 7.67 -4.63
CA LYS D 260 14.17 7.18 -5.97
C LYS D 260 14.71 8.13 -7.03
N ILE D 261 14.61 9.44 -6.80
CA ILE D 261 15.18 10.40 -7.74
C ILE D 261 16.70 10.28 -7.78
N LEU D 262 17.34 10.24 -6.60
CA LEU D 262 18.79 10.18 -6.55
C LEU D 262 19.31 8.86 -7.11
N ILE D 263 18.76 7.74 -6.63
CA ILE D 263 19.20 6.44 -7.12
C ILE D 263 18.86 6.28 -8.59
N GLY D 264 17.65 6.70 -8.97
CA GLY D 264 17.24 6.56 -10.36
C GLY D 264 18.07 7.40 -11.32
N PHE D 265 18.38 8.63 -10.92
CA PHE D 265 19.16 9.50 -11.80
C PHE D 265 20.57 8.98 -12.02
N GLY D 266 21.15 8.33 -11.01
CA GLY D 266 22.43 7.68 -11.22
C GLY D 266 22.35 6.57 -12.25
N ILE D 267 21.30 5.76 -12.18
CA ILE D 267 21.07 4.76 -13.22
C ILE D 267 20.75 5.44 -14.55
N ALA D 268 20.04 6.57 -14.50
CA ALA D 268 19.78 7.35 -15.70
C ALA D 268 21.06 7.93 -16.28
N PHE D 269 22.13 8.03 -15.49
CA PHE D 269 23.42 8.46 -15.97
C PHE D 269 24.41 7.31 -16.13
N GLU D 270 24.02 6.10 -15.75
CA GLU D 270 24.83 4.91 -15.97
C GLU D 270 24.41 4.15 -17.22
N LEU D 271 23.11 4.09 -17.52
CA LEU D 271 22.67 3.42 -18.73
C LEU D 271 23.27 4.01 -19.99
N PRO D 272 23.37 5.33 -20.17
CA PRO D 272 24.15 5.83 -21.32
C PRO D 272 25.63 5.91 -21.02
N VAL D 273 26.16 4.93 -20.29
CA VAL D 273 27.60 4.75 -20.15
C VAL D 273 27.93 3.29 -20.47
N VAL D 274 26.99 2.39 -20.21
CA VAL D 274 27.21 0.98 -20.52
C VAL D 274 27.19 0.77 -22.03
N ALA D 275 26.32 1.49 -22.74
CA ALA D 275 26.38 1.48 -24.20
C ALA D 275 27.69 2.07 -24.69
N TYR D 276 28.15 3.15 -24.07
CA TYR D 276 29.43 3.75 -24.44
C TYR D 276 30.57 2.77 -24.21
N PHE D 277 30.55 2.06 -23.08
CA PHE D 277 31.55 1.03 -22.83
C PHE D 277 31.42 -0.11 -23.83
N LEU D 278 30.19 -0.51 -24.14
CA LEU D 278 29.97 -1.60 -25.07
C LEU D 278 30.10 -1.16 -26.53
N ALA D 279 30.03 0.15 -26.81
CA ALA D 279 30.16 0.61 -28.18
C ALA D 279 31.56 0.37 -28.72
N LEU D 280 32.58 0.78 -27.97
CA LEU D 280 33.96 0.61 -28.41
C LEU D 280 34.45 -0.82 -28.24
N LEU D 281 33.76 -1.63 -27.43
CA LEU D 281 34.16 -3.02 -27.28
C LEU D 281 33.97 -3.81 -28.57
N GLY D 282 33.09 -3.36 -29.46
CA GLY D 282 32.88 -4.00 -30.74
C GLY D 282 31.88 -5.14 -30.73
N LEU D 283 31.38 -5.53 -29.55
CA LEU D 283 30.42 -6.62 -29.48
C LEU D 283 29.05 -6.22 -30.01
N ILE D 284 28.70 -4.95 -29.93
CA ILE D 284 27.37 -4.46 -30.28
C ILE D 284 27.51 -3.19 -31.09
N THR D 285 26.74 -3.08 -32.17
CA THR D 285 26.83 -1.96 -33.09
C THR D 285 25.47 -1.28 -33.20
N ASP D 286 25.38 -0.30 -34.11
CA ASP D 286 24.14 0.43 -34.30
C ASP D 286 23.05 -0.47 -34.88
N LYS D 287 23.42 -1.39 -35.77
CA LYS D 287 22.44 -2.28 -36.38
C LYS D 287 21.74 -3.13 -35.33
N THR D 288 22.44 -3.50 -34.26
CA THR D 288 21.79 -4.25 -33.18
C THR D 288 20.72 -3.43 -32.50
N LEU D 289 20.99 -2.15 -32.24
CA LEU D 289 20.00 -1.30 -31.57
C LEU D 289 18.81 -1.03 -32.47
N LYS D 290 19.07 -0.63 -33.72
CA LYS D 290 17.98 -0.23 -34.61
C LYS D 290 17.05 -1.39 -34.92
N ASP D 291 17.61 -2.57 -35.19
CA ASP D 291 16.77 -3.72 -35.50
C ASP D 291 15.95 -4.15 -34.31
N TYR D 292 16.56 -4.17 -33.12
CA TYR D 292 15.87 -4.62 -31.91
C TYR D 292 15.25 -3.42 -31.18
N PHE D 293 14.40 -2.70 -31.89
CA PHE D 293 13.69 -1.56 -31.35
C PHE D 293 12.31 -1.94 -30.83
N LYS D 294 11.50 -2.62 -31.66
CA LYS D 294 10.16 -3.01 -31.24
C LYS D 294 10.22 -3.94 -30.04
N TYR D 295 11.20 -4.84 -30.02
CA TYR D 295 11.36 -5.73 -28.87
C TYR D 295 11.73 -4.94 -27.62
N ALA D 296 12.38 -3.79 -27.78
CA ALA D 296 12.72 -2.97 -26.62
C ALA D 296 11.50 -2.30 -26.03
N ILE D 297 10.47 -2.04 -26.86
CA ILE D 297 9.25 -1.40 -26.36
C ILE D 297 8.57 -2.29 -25.32
N VAL D 298 8.44 -3.57 -25.64
CA VAL D 298 7.69 -4.48 -24.78
C VAL D 298 8.43 -4.85 -23.51
N ILE D 299 9.72 -4.56 -23.43
CA ILE D 299 10.49 -4.95 -22.26
C ILE D 299 10.72 -3.73 -21.37
N ILE D 300 10.73 -2.54 -21.96
CA ILE D 300 10.92 -1.34 -21.17
C ILE D 300 9.67 -1.03 -20.36
N PHE D 301 8.49 -1.31 -20.91
CA PHE D 301 7.26 -1.11 -20.17
C PHE D 301 7.17 -2.07 -19.00
N LEU D 302 7.56 -3.33 -19.20
CA LEU D 302 7.52 -4.31 -18.12
C LEU D 302 8.44 -3.91 -16.99
N LEU D 303 9.64 -3.41 -17.32
CA LEU D 303 10.53 -2.88 -16.29
C LEU D 303 9.89 -1.69 -15.57
N ALA D 304 9.22 -0.82 -16.33
CA ALA D 304 8.52 0.30 -15.72
C ALA D 304 7.37 -0.17 -14.83
N ALA D 305 6.67 -1.23 -15.25
CA ALA D 305 5.56 -1.74 -14.45
C ALA D 305 6.03 -2.29 -13.11
N PHE D 306 7.30 -2.65 -12.99
CA PHE D 306 7.83 -3.20 -11.76
C PHE D 306 8.48 -2.16 -10.86
N LEU D 307 8.89 -1.01 -11.40
CA LEU D 307 9.59 0.01 -10.64
C LEU D 307 8.67 1.13 -10.17
N THR D 308 7.36 1.01 -10.39
CA THR D 308 6.40 2.05 -10.04
C THR D 308 5.25 1.45 -9.27
N PRO D 309 4.51 2.28 -8.52
CA PRO D 309 3.28 1.81 -7.87
C PRO D 309 2.30 1.24 -8.89
N PRO D 310 1.29 0.51 -8.44
CA PRO D 310 0.39 -0.18 -9.38
C PRO D 310 -0.39 0.74 -10.32
N ASP D 311 -0.35 2.05 -10.11
CA ASP D 311 -1.09 2.96 -10.98
C ASP D 311 -0.56 2.88 -12.41
N VAL D 312 -1.48 2.87 -13.37
CA VAL D 312 -1.10 2.77 -14.77
C VAL D 312 -0.38 4.04 -15.22
N LEU D 313 -0.82 5.20 -14.71
CA LEU D 313 -0.18 6.46 -15.07
C LEU D 313 1.28 6.48 -14.65
N THR D 314 1.60 5.84 -13.52
CA THR D 314 2.98 5.80 -13.06
C THR D 314 3.86 5.02 -14.04
N GLN D 315 3.32 3.92 -14.58
CA GLN D 315 4.09 3.14 -15.55
C GLN D 315 4.40 3.96 -16.80
N LEU D 316 3.42 4.70 -17.29
CA LEU D 316 3.65 5.58 -18.44
C LEU D 316 4.63 6.68 -18.09
N LEU D 317 4.55 7.22 -16.87
CA LEU D 317 5.44 8.29 -16.45
C LEU D 317 6.88 7.81 -16.24
N MET D 318 7.11 6.50 -16.20
CA MET D 318 8.46 5.96 -16.08
C MET D 318 9.01 5.43 -17.39
N ALA D 319 8.13 4.92 -18.27
CA ALA D 319 8.59 4.43 -19.57
C ALA D 319 9.12 5.56 -20.43
N ALA D 320 8.46 6.72 -20.40
CA ALA D 320 8.88 7.83 -21.25
C ALA D 320 10.30 8.31 -20.95
N PRO D 321 10.70 8.57 -19.70
CA PRO D 321 12.11 8.89 -19.46
C PRO D 321 13.05 7.76 -19.84
N LEU D 322 12.63 6.51 -19.65
CA LEU D 322 13.47 5.37 -20.01
C LEU D 322 13.52 5.14 -21.52
N ILE D 323 12.42 5.43 -22.21
CA ILE D 323 12.42 5.30 -23.67
C ILE D 323 13.34 6.33 -24.30
N LEU D 324 13.33 7.56 -23.77
CA LEU D 324 14.25 8.58 -24.26
C LEU D 324 15.70 8.16 -24.05
N LEU D 325 15.99 7.48 -22.94
CA LEU D 325 17.34 6.97 -22.72
C LEU D 325 17.72 5.96 -23.78
N TYR D 326 16.79 5.09 -24.16
CA TYR D 326 17.05 4.16 -25.26
C TYR D 326 17.29 4.91 -26.56
N GLY D 327 16.47 5.92 -26.83
CA GLY D 327 16.72 6.75 -28.00
C GLY D 327 18.03 7.50 -27.89
N LEU D 328 18.40 7.93 -26.69
CA LEU D 328 19.70 8.55 -26.49
C LEU D 328 20.82 7.55 -26.74
N SER D 329 20.62 6.29 -26.33
CA SER D 329 21.62 5.26 -26.58
C SER D 329 21.82 5.00 -28.06
N ILE D 330 20.82 5.29 -28.90
CA ILE D 330 20.96 5.11 -30.34
C ILE D 330 22.04 6.03 -30.88
N LEU D 331 22.02 7.29 -30.47
CA LEU D 331 23.01 8.25 -30.97
C LEU D 331 24.38 8.00 -30.38
N ILE D 332 24.45 7.43 -29.18
CA ILE D 332 25.74 7.24 -28.51
C ILE D 332 26.61 6.25 -29.27
N VAL D 333 26.01 5.16 -29.75
CA VAL D 333 26.79 4.16 -30.48
C VAL D 333 27.34 4.76 -31.76
N HIS D 334 28.61 4.45 -32.05
CA HIS D 334 29.31 4.99 -33.21
C HIS D 334 30.45 4.09 -33.62
N SER E 5 -7.23 -9.93 -3.83
CA SER E 5 -7.76 -10.45 -2.58
C SER E 5 -6.70 -10.43 -1.48
N GLY E 6 -6.64 -11.51 -0.70
CA GLY E 6 -5.66 -11.61 0.36
C GLY E 6 -6.29 -11.58 1.74
N TRP E 7 -6.41 -12.75 2.37
CA TRP E 7 -6.96 -12.92 3.72
C TRP E 7 -8.45 -12.60 3.75
N GLU E 8 -8.98 -12.10 2.64
CA GLU E 8 -10.41 -11.88 2.49
C GLU E 8 -11.11 -13.06 1.84
N LEU E 9 -10.36 -13.88 1.09
CA LEU E 9 -10.91 -15.13 0.59
C LEU E 9 -11.29 -16.07 1.72
N LEU E 10 -10.71 -15.89 2.90
CA LEU E 10 -11.17 -16.63 4.07
C LEU E 10 -12.62 -16.30 4.38
N LEU E 11 -13.00 -15.03 4.30
CA LEU E 11 -14.39 -14.67 4.52
C LEU E 11 -15.29 -15.20 3.42
N VAL E 12 -14.78 -15.31 2.20
CA VAL E 12 -15.56 -15.93 1.13
C VAL E 12 -15.81 -17.40 1.44
N VAL E 13 -14.77 -18.11 1.88
CA VAL E 13 -14.93 -19.50 2.29
C VAL E 13 -15.96 -19.58 3.42
N GLY E 14 -15.89 -18.65 4.37
CA GLY E 14 -16.84 -18.64 5.45
C GLY E 14 -18.28 -18.45 4.99
N VAL E 15 -18.49 -17.57 4.00
CA VAL E 15 -19.86 -17.37 3.54
C VAL E 15 -20.34 -18.58 2.74
N ILE E 16 -19.44 -19.30 2.07
CA ILE E 16 -19.86 -20.55 1.45
C ILE E 16 -20.27 -21.57 2.51
N VAL E 17 -19.50 -21.71 3.58
CA VAL E 17 -19.88 -22.67 4.62
C VAL E 17 -21.17 -22.26 5.31
N LEU E 18 -21.37 -20.95 5.49
CA LEU E 18 -22.57 -20.48 6.17
C LEU E 18 -23.80 -20.59 5.27
N LEU E 19 -23.63 -20.46 3.96
CA LEU E 19 -24.74 -20.52 3.01
C LEU E 19 -24.68 -21.77 2.14
N PHE E 20 -24.00 -22.81 2.60
CA PHE E 20 -23.82 -24.05 1.84
C PHE E 20 -23.20 -23.77 0.47
N SER F 5 3.80 -6.24 -10.63
CA SER F 5 2.88 -5.73 -11.65
C SER F 5 1.47 -5.57 -11.10
N GLY F 6 0.48 -5.98 -11.88
CA GLY F 6 -0.91 -5.90 -11.46
C GLY F 6 -1.71 -4.89 -12.24
N TRP F 7 -2.50 -5.38 -13.20
CA TRP F 7 -3.39 -4.56 -14.03
C TRP F 7 -2.59 -3.66 -14.96
N GLU F 8 -1.27 -3.64 -14.80
CA GLU F 8 -0.39 -2.92 -15.72
C GLU F 8 0.15 -3.84 -16.81
N LEU F 9 0.19 -5.15 -16.57
CA LEU F 9 0.52 -6.09 -17.62
C LEU F 9 -0.47 -6.03 -18.77
N LEU F 10 -1.69 -5.54 -18.51
CA LEU F 10 -2.62 -5.28 -19.60
C LEU F 10 -2.05 -4.24 -20.56
N LEU F 11 -1.41 -3.20 -20.02
CA LEU F 11 -0.76 -2.22 -20.87
C LEU F 11 0.40 -2.85 -21.64
N VAL F 12 1.10 -3.80 -21.04
CA VAL F 12 2.16 -4.50 -21.75
C VAL F 12 1.58 -5.29 -22.92
N VAL F 13 0.49 -6.02 -22.69
CA VAL F 13 -0.16 -6.74 -23.77
C VAL F 13 -0.61 -5.77 -24.85
N GLY F 14 -1.10 -4.59 -24.45
CA GLY F 14 -1.50 -3.60 -25.42
C GLY F 14 -0.34 -3.09 -26.26
N VAL F 15 0.82 -2.87 -25.64
CA VAL F 15 1.94 -2.37 -26.43
C VAL F 15 2.49 -3.46 -27.35
N ILE F 16 2.44 -4.73 -26.94
CA ILE F 16 2.80 -5.79 -27.88
C ILE F 16 1.81 -5.82 -29.04
N VAL F 17 0.52 -5.68 -28.75
CA VAL F 17 -0.48 -5.73 -29.81
C VAL F 17 -0.29 -4.57 -30.79
N LEU F 18 -0.03 -3.38 -30.25
CA LEU F 18 0.12 -2.21 -31.10
C LEU F 18 1.44 -2.22 -31.86
N LEU F 19 2.49 -2.82 -31.29
CA LEU F 19 3.81 -2.83 -31.90
C LEU F 19 4.21 -4.23 -32.36
N PHE F 20 3.23 -5.09 -32.62
CA PHE F 20 3.47 -6.46 -33.06
C PHE F 20 4.35 -7.23 -32.08
#